data_7JVQ
#
_entry.id   7JVQ
#
_cell.length_a   1.00
_cell.length_b   1.00
_cell.length_c   1.00
_cell.angle_alpha   90.00
_cell.angle_beta   90.00
_cell.angle_gamma   90.00
#
_symmetry.space_group_name_H-M   'P 1'
#
loop_
_entity.id
_entity.type
_entity.pdbx_description
1 polymer 'D(1A) dopamine receptor'
2 polymer 'Engineered mini-Gi protein alpha sub-unit'
3 polymer 'Guanine nucleotide-binding protein G(I)/G(S)/G(T) subunit beta-1'
4 polymer 'Guanine nucleotide-binding protein G(I)/G(S)/G(O) subunit gamma-2'
5 polymer Nanobody35
6 non-polymer (6aR)-6-methyl-5,6,6a,7-tetrahydro-4H-dibenzo[de,g]quinoline-10,11-diol
7 non-polymer CHOLESTEROL
8 non-polymer 'PALMITIC ACID'
#
loop_
_entity_poly.entity_id
_entity_poly.type
_entity_poly.pdbx_seq_one_letter_code
_entity_poly.pdbx_strand_id
1 'polypeptide(L)'
;DYKDDDDVDMGQPGNGSAFLLAPNGSHAPDHDVTQQRDEENLYFQGASMRTLNTSAMDGTGLVVERDFSVRILTACFLSL
LILSTLLGNTLVCAAVIRFRHLRSKVTNFFVISLAVSDLLVAVLVMPWKAVAEIAGFWPFGSFCNIWVAFDIMCSTASIL
NLCVISVDRYWAISSPFRYERKMTPKAAFILISVAWTLSVLISFIPVQLSWHKAKPTSPSDGNATSLAETIDNCDSSLSR
TYAISSSVISFYIPVAIMIVTYTRIYRIAQKQIRRIAALERAAVHAKNCQTTTGNGKPVECSQPESSFKMSFKRETKVLK
TLSVIMGVFVCCWLPFFILNCILPFCGSGETQPFCIDSNTFDVFVWFGWANSSLNPIIYAFNADFRKAFSTLLGCYRLCP
ATNNAIETVSINNNGAAMFSSHHEPRGSISKECNLVYLIPHAVGSSEDLKKEEAAGIARPLEKLSPALSVILDYDTDVSL
EKIQPITQNGQHPTHHHHHHHH
;
R
2 'polypeptide(L)'
;MGCLGNSKTEDQRNEEKAQREANKMIEKQLQKDKQVYRATHRLLLLGADNSGKSTIVKQMRIYHVNSGIFETKFQVDKVN
FHMFDVGAQRDERRKWIQCFNDVTAIIFVVDSSDYNRLQEALNDFKSIWNNRWLRTISVILFLNKQDLLAEKVLAGKSKI
EDYFPEFARYTTPEDATPEPGEDPRVTRAKYFIRDEFLRISTASGDGRHYCYPHFTCSVDTENARRIFNDCRDIIQRMHL
RQYELL
;
A
3 'polypeptide(L)'
;HHHHHHHHMGSLLQSELDQLRQEAEQLKNQIRDARKACADATLSQITNNIDPVGRIQMRTRRTLRGHLAKIYAMHWGTDS
RLLVSASQDGKLIIWDSYTTNKVHAIPLRSSWVMTCAYAPSGNYVACGGLDNICSIYNLKTREGNVRVSRELAGHTGYLS
CCRFLDDNQIVTSSGDTTCALWDIETGQQTTTFTGHTGDVMSLSLAPDTRLFVSGACDASAKLWDVREGMCRQTFTGHES
DINAICFFPNGNAFATGSDDATCRLFDLRADQELMTYSHDNIICGITSVSFSKSGRLLLAGYDDFNCNVWDALKADRAGV
LAGHDNRVSCLGVTDDGMAVATGSWDSFLKIWNG
;
B
4 'polypeptide(L)' ASNNTASIAQARKLVEQLKMEANIDRIKVSKAAADLMAYCEAHAKEDPLLTPVPASENPFREKKFFC G
5 'polypeptide(L)'
;MQVQLQESGGGLVQPGGSLRLSCAASGFTFSNYKMNWVRQAPGKGLEWVSDISQSGASISYTGSVKGRFTISRDNAKNTL
YLQMNSLKPEDTAVYYCARCPAPFTRDCFDVTSTTYAYRGQGTQVTVSSHHHHHH
;
N
#
loop_
_chem_comp.id
_chem_comp.type
_chem_comp.name
_chem_comp.formula
CLR non-polymer CHOLESTEROL 'C27 H46 O'
OR9 non-polymer (6aR)-6-methyl-5,6,6a,7-tetrahydro-4H-dibenzo[de,g]quinoline-10,11-diol 'C17 H17 N O2'
PLM non-polymer 'PALMITIC ACID' 'C16 H32 O2'
#
# COMPACT_ATOMS: atom_id res chain seq x y z
N SER A 69 -1.62 -21.08 55.90
CA SER A 69 -1.90 -19.83 56.60
C SER A 69 -1.59 -18.61 55.72
N VAL A 70 -0.99 -17.60 56.35
CA VAL A 70 -0.54 -16.41 55.65
C VAL A 70 0.55 -16.76 54.63
N ARG A 71 1.45 -17.67 55.03
CA ARG A 71 2.58 -18.11 54.21
C ARG A 71 2.13 -18.68 52.86
N ILE A 72 1.09 -19.51 52.86
CA ILE A 72 0.51 -20.07 51.64
C ILE A 72 0.08 -18.95 50.68
N LEU A 73 -0.71 -17.99 51.18
CA LEU A 73 -1.18 -16.86 50.39
C LEU A 73 -0.03 -16.04 49.81
N THR A 74 0.97 -15.73 50.65
CA THR A 74 2.13 -14.97 50.20
C THR A 74 2.92 -15.73 49.14
N ALA A 75 3.04 -17.06 49.31
CA ALA A 75 3.72 -17.89 48.32
C ALA A 75 2.98 -17.90 46.99
N CYS A 76 1.64 -17.93 47.05
CA CYS A 76 0.85 -17.92 45.82
C CYS A 76 0.98 -16.59 45.08
N PHE A 77 0.93 -15.48 45.81
CA PHE A 77 1.10 -14.16 45.21
C PHE A 77 2.47 -14.00 44.56
N LEU A 78 3.54 -14.31 45.31
CA LEU A 78 4.90 -14.22 44.79
C LEU A 78 5.11 -15.13 43.58
N SER A 79 4.55 -16.35 43.61
CA SER A 79 4.70 -17.27 42.50
C SER A 79 3.98 -16.78 41.25
N LEU A 80 2.77 -16.22 41.42
CA LEU A 80 2.05 -15.62 40.29
C LEU A 80 2.82 -14.45 39.70
N LEU A 81 3.46 -13.64 40.56
CA LEU A 81 4.26 -12.51 40.09
C LEU A 81 5.45 -12.97 39.25
N ILE A 82 6.19 -13.96 39.77
CA ILE A 82 7.35 -14.53 39.05
C ILE A 82 6.91 -15.11 37.70
N LEU A 83 5.84 -15.92 37.70
CA LEU A 83 5.37 -16.55 36.46
C LEU A 83 4.90 -15.52 35.44
N SER A 84 4.18 -14.49 35.90
CA SER A 84 3.74 -13.40 35.02
C SER A 84 4.92 -12.70 34.36
N THR A 85 5.95 -12.39 35.15
CA THR A 85 7.10 -11.64 34.64
C THR A 85 7.88 -12.46 33.61
N LEU A 86 8.15 -13.74 33.97
CA LEU A 86 8.74 -14.71 33.06
C LEU A 86 7.96 -14.83 31.75
N LEU A 87 6.64 -15.02 31.85
CA LEU A 87 5.75 -15.13 30.70
C LEU A 87 5.87 -13.94 29.76
N GLY A 88 5.70 -12.73 30.30
CA GLY A 88 5.68 -11.54 29.44
C GLY A 88 7.01 -11.28 28.76
N ASN A 89 8.12 -11.38 29.52
CA ASN A 89 9.45 -11.21 28.95
C ASN A 89 9.77 -12.27 27.90
N THR A 90 9.39 -13.53 28.17
CA THR A 90 9.58 -14.61 27.22
C THR A 90 8.81 -14.36 25.92
N LEU A 91 7.55 -13.94 26.05
CA LEU A 91 6.73 -13.65 24.87
C LEU A 91 7.33 -12.53 24.02
N VAL A 92 7.84 -11.47 24.66
CA VAL A 92 8.45 -10.36 23.91
C VAL A 92 9.71 -10.82 23.18
N CYS A 93 10.59 -11.58 23.88
CA CYS A 93 11.83 -12.02 23.27
C CYS A 93 11.60 -13.01 22.13
N ALA A 94 10.75 -14.03 22.37
CA ALA A 94 10.35 -14.98 21.34
C ALA A 94 9.72 -14.28 20.12
N ALA A 95 8.77 -13.36 20.36
CA ALA A 95 8.14 -12.62 19.27
C ALA A 95 9.15 -11.84 18.43
N VAL A 96 10.18 -11.29 19.06
CA VAL A 96 11.14 -10.53 18.26
C VAL A 96 12.09 -11.49 17.52
N ILE A 97 12.41 -12.65 18.11
CA ILE A 97 13.23 -13.64 17.43
C ILE A 97 12.50 -14.25 16.22
N ARG A 98 11.18 -14.39 16.31
CA ARG A 98 10.42 -15.08 15.28
C ARG A 98 9.97 -14.16 14.14
N PHE A 99 9.95 -12.84 14.36
CA PHE A 99 9.42 -11.90 13.38
C PHE A 99 10.50 -10.91 12.95
N ARG A 100 10.70 -10.81 11.63
CA ARG A 100 11.76 -9.98 11.06
C ARG A 100 11.41 -8.50 11.14
N HIS A 101 10.16 -8.13 10.83
CA HIS A 101 9.76 -6.73 10.83
C HIS A 101 9.80 -6.13 12.24
N LEU A 102 9.49 -6.93 13.28
CA LEU A 102 9.70 -6.50 14.68
C LEU A 102 11.20 -6.39 15.09
N ARG A 103 12.12 -6.58 14.14
CA ARG A 103 13.52 -6.28 14.34
C ARG A 103 14.02 -5.28 13.31
N SER A 104 13.20 -4.94 12.31
CA SER A 104 13.65 -4.04 11.25
C SER A 104 13.75 -2.61 11.73
N LYS A 105 12.83 -2.19 12.60
CA LYS A 105 12.88 -0.84 13.14
C LYS A 105 13.94 -0.73 14.22
N VAL A 106 14.64 0.41 14.24
CA VAL A 106 15.73 0.65 15.18
C VAL A 106 15.19 0.88 16.60
N THR A 107 13.92 1.27 16.70
CA THR A 107 13.28 1.52 17.99
C THR A 107 13.22 0.25 18.85
N ASN A 108 12.71 -0.85 18.28
CA ASN A 108 12.45 -2.09 19.01
C ASN A 108 13.68 -2.75 19.62
N PHE A 109 14.91 -2.34 19.23
CA PHE A 109 16.12 -2.82 19.89
C PHE A 109 16.13 -2.47 21.37
N PHE A 110 15.63 -1.29 21.71
CA PHE A 110 15.60 -0.85 23.10
C PHE A 110 14.59 -1.68 23.91
N VAL A 111 13.45 -2.00 23.32
CA VAL A 111 12.49 -2.90 23.95
C VAL A 111 13.04 -4.34 24.04
N ILE A 112 13.95 -4.72 23.13
CA ILE A 112 14.67 -6.00 23.29
C ILE A 112 15.55 -5.95 24.53
N SER A 113 16.32 -4.86 24.68
CA SER A 113 17.17 -4.67 25.85
C SER A 113 16.36 -4.63 27.14
N LEU A 114 15.16 -4.07 27.10
CA LEU A 114 14.33 -4.00 28.31
C LEU A 114 13.67 -5.33 28.62
N ALA A 115 13.40 -6.15 27.61
CA ALA A 115 12.92 -7.51 27.89
C ALA A 115 14.05 -8.40 28.38
N VAL A 116 15.29 -8.13 27.96
CA VAL A 116 16.43 -8.91 28.44
C VAL A 116 16.72 -8.56 29.90
N SER A 117 16.71 -7.26 30.23
CA SER A 117 16.90 -6.84 31.62
C SER A 117 15.79 -7.36 32.53
N ASP A 118 14.53 -7.30 32.08
CA ASP A 118 13.43 -7.79 32.91
C ASP A 118 13.43 -9.31 33.02
N LEU A 119 13.93 -10.00 32.00
CA LEU A 119 13.98 -11.45 32.08
C LEU A 119 15.14 -11.91 32.93
N LEU A 120 16.23 -11.14 32.97
CA LEU A 120 17.28 -11.41 33.95
C LEU A 120 16.79 -11.15 35.37
N VAL A 121 15.87 -10.19 35.54
CA VAL A 121 15.29 -9.95 36.87
C VAL A 121 14.47 -11.16 37.30
N ALA A 122 13.53 -11.59 36.44
CA ALA A 122 12.66 -12.74 36.74
C ALA A 122 13.45 -14.03 36.93
N VAL A 123 14.49 -14.26 36.11
CA VAL A 123 15.23 -15.52 36.20
C VAL A 123 16.15 -15.54 37.43
N LEU A 124 16.80 -14.42 37.76
CA LEU A 124 17.91 -14.50 38.71
C LEU A 124 17.82 -13.62 39.95
N VAL A 125 16.72 -12.89 40.18
CA VAL A 125 16.60 -12.01 41.35
C VAL A 125 15.39 -12.37 42.20
N MET A 126 14.22 -12.47 41.57
CA MET A 126 12.99 -12.80 42.29
C MET A 126 12.91 -14.20 42.94
N PRO A 127 13.33 -15.32 42.31
CA PRO A 127 13.10 -16.63 42.96
C PRO A 127 13.81 -16.86 44.28
N TRP A 128 15.12 -16.60 44.34
CA TRP A 128 15.91 -16.80 45.56
C TRP A 128 15.36 -15.98 46.73
N LYS A 129 15.06 -14.69 46.48
CA LYS A 129 14.45 -13.83 47.50
C LYS A 129 13.08 -14.35 47.91
N ALA A 130 12.30 -14.85 46.94
CA ALA A 130 10.98 -15.41 47.23
C ALA A 130 11.09 -16.61 48.16
N VAL A 131 12.03 -17.53 47.86
CA VAL A 131 12.29 -18.70 48.68
C VAL A 131 12.71 -18.29 50.09
N ALA A 132 13.58 -17.27 50.18
CA ALA A 132 14.07 -16.81 51.48
C ALA A 132 12.93 -16.19 52.30
N GLU A 133 12.03 -15.45 51.65
CA GLU A 133 10.91 -14.84 52.36
C GLU A 133 9.90 -15.88 52.82
N ILE A 134 9.57 -16.84 51.95
CA ILE A 134 8.66 -17.93 52.30
C ILE A 134 9.21 -18.76 53.46
N ALA A 135 10.50 -19.08 53.41
CA ALA A 135 11.07 -19.99 54.40
C ALA A 135 11.42 -19.26 55.70
N GLY A 136 11.98 -18.06 55.60
CA GLY A 136 12.31 -17.24 56.75
C GLY A 136 13.80 -17.08 56.98
N PHE A 137 14.59 -18.08 56.60
CA PHE A 137 16.04 -18.02 56.73
C PHE A 137 16.66 -17.87 55.34
N TRP A 138 17.99 -17.73 55.32
CA TRP A 138 18.73 -17.58 54.08
C TRP A 138 19.36 -18.91 53.73
N PRO A 139 19.08 -19.47 52.54
CA PRO A 139 19.55 -20.84 52.23
C PRO A 139 21.06 -20.98 52.06
N PHE A 140 21.67 -20.16 51.22
CA PHE A 140 23.08 -20.29 50.84
C PHE A 140 23.77 -18.97 51.15
N GLY A 141 24.68 -19.00 52.14
CA GLY A 141 25.19 -17.76 52.71
C GLY A 141 26.15 -17.02 51.79
N SER A 142 27.04 -17.75 51.11
CA SER A 142 28.01 -17.12 50.22
C SER A 142 27.37 -16.57 48.95
N PHE A 143 26.15 -17.00 48.63
CA PHE A 143 25.43 -16.51 47.45
C PHE A 143 24.98 -15.06 47.59
N CYS A 144 24.87 -14.55 48.83
CA CYS A 144 24.35 -13.20 49.08
C CYS A 144 25.16 -12.11 48.41
N ASN A 145 26.50 -12.21 48.45
CA ASN A 145 27.37 -11.20 47.84
C ASN A 145 27.17 -11.10 46.34
N ILE A 146 27.00 -12.24 45.68
CA ILE A 146 26.78 -12.25 44.23
C ILE A 146 25.36 -11.78 43.91
N TRP A 147 24.38 -12.27 44.69
CA TRP A 147 22.98 -11.91 44.57
C TRP A 147 22.74 -10.40 44.60
N VAL A 148 23.36 -9.70 45.57
CA VAL A 148 23.25 -8.25 45.69
C VAL A 148 23.72 -7.56 44.41
N ALA A 149 24.88 -7.98 43.89
CA ALA A 149 25.45 -7.39 42.68
C ALA A 149 24.53 -7.62 41.48
N PHE A 150 23.94 -8.82 41.39
CA PHE A 150 23.05 -9.09 40.25
C PHE A 150 21.72 -8.37 40.39
N ASP A 151 21.29 -8.10 41.62
CA ASP A 151 20.08 -7.33 41.85
C ASP A 151 20.25 -5.88 41.44
N ILE A 152 21.37 -5.27 41.86
CA ILE A 152 21.70 -3.90 41.46
C ILE A 152 21.86 -3.79 39.95
N MET A 153 22.55 -4.76 39.33
CA MET A 153 22.75 -4.74 37.88
C MET A 153 21.44 -4.86 37.12
N CYS A 154 20.58 -5.79 37.54
CA CYS A 154 19.35 -6.05 36.80
C CYS A 154 18.30 -4.95 37.02
N SER A 155 18.34 -4.25 38.16
CA SER A 155 17.42 -3.14 38.35
C SER A 155 17.89 -1.89 37.61
N THR A 156 19.18 -1.55 37.77
CA THR A 156 19.75 -0.38 37.09
C THR A 156 19.68 -0.53 35.57
N ALA A 157 19.85 -1.75 35.05
CA ALA A 157 19.70 -1.98 33.61
C ALA A 157 18.28 -1.69 33.13
N SER A 158 17.27 -2.00 33.96
CA SER A 158 15.89 -1.73 33.56
C SER A 158 15.60 -0.23 33.55
N ILE A 159 16.11 0.49 34.56
CA ILE A 159 15.79 1.91 34.62
C ILE A 159 16.58 2.69 33.56
N LEU A 160 17.81 2.25 33.26
CA LEU A 160 18.57 2.87 32.18
C LEU A 160 17.97 2.54 30.81
N ASN A 161 17.42 1.34 30.64
CA ASN A 161 16.72 1.03 29.38
C ASN A 161 15.46 1.87 29.22
N LEU A 162 14.77 2.19 30.31
CA LEU A 162 13.59 3.05 30.16
C LEU A 162 13.99 4.51 29.93
N CYS A 163 15.20 4.88 30.34
CA CYS A 163 15.69 6.21 30.01
C CYS A 163 16.13 6.29 28.54
N VAL A 164 16.73 5.21 28.03
CA VAL A 164 17.08 5.13 26.61
C VAL A 164 15.82 5.17 25.74
N ILE A 165 14.76 4.47 26.17
CA ILE A 165 13.50 4.49 25.42
C ILE A 165 12.88 5.89 25.40
N SER A 166 12.91 6.60 26.53
CA SER A 166 12.39 7.96 26.56
C SER A 166 13.20 8.91 25.67
N VAL A 167 14.54 8.79 25.71
CA VAL A 167 15.39 9.63 24.85
C VAL A 167 15.18 9.30 23.37
N ASP A 168 14.89 8.02 23.05
CA ASP A 168 14.55 7.63 21.68
C ASP A 168 13.25 8.26 21.22
N ARG A 169 12.21 8.21 22.07
CA ARG A 169 10.93 8.79 21.69
C ARG A 169 10.99 10.31 21.57
N TYR A 170 11.88 10.96 22.33
CA TYR A 170 11.95 12.41 22.20
C TYR A 170 12.85 12.85 21.06
N TRP A 171 13.85 12.04 20.72
CA TRP A 171 14.65 12.31 19.53
C TRP A 171 13.83 12.09 18.26
N ALA A 172 12.95 11.08 18.27
CA ALA A 172 12.15 10.80 17.08
C ALA A 172 10.97 11.76 16.92
N ILE A 173 10.30 12.15 18.01
CA ILE A 173 9.21 13.10 17.87
C ILE A 173 9.71 14.55 17.77
N SER A 174 10.88 14.87 18.34
CA SER A 174 11.38 16.23 18.28
C SER A 174 11.91 16.58 16.90
N SER A 175 12.94 15.88 16.44
CA SER A 175 13.52 16.10 15.12
C SER A 175 13.15 14.93 14.22
N PRO A 176 12.16 15.08 13.31
CA PRO A 176 11.76 13.93 12.49
C PRO A 176 12.75 13.57 11.40
N PHE A 177 13.46 14.55 10.84
CA PHE A 177 14.43 14.23 9.78
C PHE A 177 15.75 13.77 10.36
N ARG A 178 16.27 14.49 11.37
CA ARG A 178 17.53 14.13 12.02
C ARG A 178 17.48 12.76 12.71
N TYR A 179 16.28 12.27 13.03
CA TYR A 179 16.17 10.94 13.62
C TYR A 179 16.42 9.85 12.57
N GLU A 180 16.17 10.15 11.31
CA GLU A 180 16.47 9.16 10.27
C GLU A 180 17.96 9.08 9.98
N ARG A 181 18.62 10.24 9.86
CA ARG A 181 20.04 10.28 9.54
C ARG A 181 20.92 9.83 10.70
N LYS A 182 20.76 10.47 11.86
CA LYS A 182 21.63 10.21 13.00
C LYS A 182 21.45 8.81 13.59
N MET A 183 20.21 8.34 13.73
CA MET A 183 19.96 7.04 14.36
C MET A 183 20.18 5.89 13.37
N THR A 184 21.41 5.80 12.89
CA THR A 184 21.97 4.56 12.39
C THR A 184 21.96 3.55 13.54
N PRO A 185 21.72 2.22 13.26
CA PRO A 185 21.80 1.19 14.32
C PRO A 185 23.05 1.19 15.21
N LYS A 186 24.15 1.75 14.71
CA LYS A 186 25.39 1.88 15.48
C LYS A 186 25.19 2.75 16.73
N ALA A 187 24.44 3.85 16.60
CA ALA A 187 24.14 4.70 17.75
C ALA A 187 23.22 3.99 18.75
N ALA A 188 22.23 3.23 18.26
CA ALA A 188 21.45 2.31 19.09
C ALA A 188 22.33 1.38 19.91
N PHE A 189 23.27 0.68 19.25
CA PHE A 189 24.16 -0.25 19.96
C PHE A 189 25.00 0.48 21.01
N ILE A 190 25.43 1.71 20.70
CA ILE A 190 26.27 2.44 21.65
C ILE A 190 25.45 2.89 22.85
N LEU A 191 24.17 3.23 22.65
CA LEU A 191 23.28 3.55 23.77
C LEU A 191 23.04 2.34 24.67
N ILE A 192 22.71 1.18 24.06
CA ILE A 192 22.47 -0.04 24.82
C ILE A 192 23.72 -0.46 25.59
N SER A 193 24.90 -0.28 24.98
CA SER A 193 26.12 -0.74 25.62
C SER A 193 26.59 0.23 26.70
N VAL A 194 26.28 1.52 26.58
CA VAL A 194 26.60 2.44 27.68
C VAL A 194 25.63 2.26 28.84
N ALA A 195 24.37 1.90 28.55
CA ALA A 195 23.42 1.54 29.60
C ALA A 195 23.88 0.32 30.40
N TRP A 196 24.13 -0.81 29.72
CA TRP A 196 24.59 -2.01 30.42
C TRP A 196 25.98 -1.86 31.02
N THR A 197 26.84 -1.02 30.46
CA THR A 197 28.17 -0.87 31.06
C THR A 197 28.13 0.04 32.28
N LEU A 198 27.24 1.05 32.29
CA LEU A 198 27.00 1.81 33.51
C LEU A 198 26.36 0.94 34.59
N SER A 199 25.52 -0.03 34.21
CA SER A 199 24.92 -0.92 35.20
C SER A 199 25.96 -1.86 35.81
N VAL A 200 26.89 -2.35 34.99
CA VAL A 200 27.84 -3.31 35.55
C VAL A 200 28.95 -2.56 36.31
N LEU A 201 29.23 -1.31 35.92
CA LEU A 201 30.15 -0.46 36.66
C LEU A 201 29.55 0.09 37.94
N ILE A 202 28.22 0.20 38.04
CA ILE A 202 27.63 0.56 39.32
C ILE A 202 27.44 -0.66 40.23
N SER A 203 27.43 -1.87 39.67
CA SER A 203 27.05 -3.02 40.49
C SER A 203 28.21 -3.94 40.84
N PHE A 204 28.92 -4.51 39.85
CA PHE A 204 29.84 -5.59 40.17
C PHE A 204 31.14 -5.13 40.82
N ILE A 205 31.61 -3.91 40.57
CA ILE A 205 32.83 -3.45 41.22
C ILE A 205 32.62 -3.11 42.70
N PRO A 206 31.68 -2.23 43.12
CA PRO A 206 31.63 -1.87 44.55
C PRO A 206 31.18 -3.00 45.46
N VAL A 207 30.27 -3.86 45.01
CA VAL A 207 29.73 -4.92 45.85
C VAL A 207 30.80 -5.97 46.13
N GLN A 208 31.67 -6.23 45.16
CA GLN A 208 32.71 -7.23 45.34
C GLN A 208 33.93 -6.64 46.05
N LEU A 209 34.24 -5.36 45.81
CA LEU A 209 35.18 -4.66 46.68
C LEU A 209 34.62 -4.43 48.09
N SER A 210 33.29 -4.55 48.27
CA SER A 210 32.59 -4.43 49.57
C SER A 210 32.81 -3.07 50.22
N TRP A 211 32.54 -2.02 49.44
CA TRP A 211 32.53 -0.66 49.99
C TRP A 211 31.21 -0.34 50.67
N HIS A 212 30.11 -0.96 50.24
CA HIS A 212 28.81 -0.72 50.86
C HIS A 212 28.62 -1.53 52.13
N LYS A 213 29.21 -2.73 52.19
CA LYS A 213 28.90 -3.67 53.26
C LYS A 213 29.51 -3.23 54.59
N ALA A 214 30.74 -2.74 54.56
CA ALA A 214 31.42 -2.29 55.78
C ALA A 214 30.95 -0.88 56.15
N LYS A 215 29.70 -0.82 56.63
CA LYS A 215 29.20 0.42 57.21
C LYS A 215 29.92 0.82 58.49
N PRO A 216 30.20 -0.08 59.47
CA PRO A 216 31.03 0.47 60.54
C PRO A 216 32.53 0.42 60.21
N ILE A 231 22.77 -18.48 62.59
CA ILE A 231 21.79 -17.60 61.96
C ILE A 231 22.48 -16.74 60.92
N ASP A 232 22.09 -16.91 59.65
CA ASP A 232 22.68 -16.16 58.54
C ASP A 232 21.57 -15.43 57.81
N ASN A 233 21.81 -14.15 57.52
CA ASN A 233 20.84 -13.32 56.83
C ASN A 233 21.57 -12.48 55.79
N CYS A 234 20.85 -12.11 54.73
CA CYS A 234 21.39 -11.33 53.62
C CYS A 234 21.03 -9.85 53.77
N ASP A 235 20.98 -9.35 55.01
CA ASP A 235 20.71 -7.94 55.29
C ASP A 235 22.02 -7.18 55.21
N SER A 236 22.36 -6.72 54.00
CA SER A 236 23.53 -5.88 53.78
C SER A 236 23.13 -4.44 54.01
N SER A 237 23.49 -3.90 55.17
CA SER A 237 23.22 -2.49 55.48
C SER A 237 24.16 -1.62 54.67
N LEU A 238 23.60 -0.84 53.74
CA LEU A 238 24.41 -0.05 52.83
C LEU A 238 25.02 1.14 53.55
N SER A 239 26.26 1.48 53.18
CA SER A 239 26.88 2.70 53.65
C SER A 239 26.20 3.91 52.99
N ARG A 240 26.37 5.07 53.62
CA ARG A 240 25.70 6.29 53.16
C ARG A 240 26.23 6.74 51.80
N THR A 241 27.56 6.67 51.63
CA THR A 241 28.21 7.00 50.36
C THR A 241 27.63 6.21 49.19
N TYR A 242 27.59 4.88 49.33
CA TYR A 242 27.19 4.07 48.19
C TYR A 242 25.69 4.09 48.00
N ALA A 243 24.92 4.32 49.06
CA ALA A 243 23.47 4.39 48.92
C ALA A 243 23.05 5.66 48.20
N ILE A 244 23.54 6.81 48.68
CA ILE A 244 23.24 8.09 48.02
C ILE A 244 23.76 8.12 46.59
N SER A 245 25.03 7.75 46.38
CA SER A 245 25.62 7.77 45.04
C SER A 245 24.92 6.80 44.08
N SER A 246 24.65 5.57 44.54
CA SER A 246 23.97 4.58 43.71
C SER A 246 22.54 5.01 43.39
N SER A 247 21.84 5.61 44.37
CA SER A 247 20.50 6.11 44.13
C SER A 247 20.49 7.24 43.11
N VAL A 248 21.45 8.15 43.19
CA VAL A 248 21.53 9.25 42.21
C VAL A 248 21.83 8.72 40.81
N ILE A 249 22.73 7.74 40.70
CA ILE A 249 23.07 7.23 39.36
C ILE A 249 22.02 6.23 38.85
N SER A 250 21.17 5.69 39.72
CA SER A 250 20.20 4.70 39.26
C SER A 250 18.78 5.21 39.13
N PHE A 251 18.34 6.20 39.91
CA PHE A 251 16.95 6.63 39.88
C PHE A 251 16.75 8.09 39.52
N TYR A 252 17.51 9.01 40.15
CA TYR A 252 17.13 10.42 40.13
C TYR A 252 17.43 11.11 38.81
N ILE A 253 18.64 10.91 38.26
CA ILE A 253 18.94 11.35 36.89
C ILE A 253 17.96 10.80 35.83
N PRO A 254 17.69 9.47 35.73
CA PRO A 254 16.72 9.03 34.71
C PRO A 254 15.29 9.55 34.87
N VAL A 255 14.85 9.89 36.09
CA VAL A 255 13.50 10.43 36.21
C VAL A 255 13.45 11.92 35.90
N ALA A 256 14.59 12.62 35.98
CA ALA A 256 14.61 13.99 35.48
C ALA A 256 14.65 14.02 33.95
N ILE A 257 15.44 13.12 33.36
CA ILE A 257 15.44 12.94 31.91
C ILE A 257 14.05 12.58 31.40
N MET A 258 13.37 11.64 32.07
CA MET A 258 12.04 11.24 31.61
C MET A 258 10.98 12.32 31.82
N ILE A 259 11.13 13.18 32.84
CA ILE A 259 10.10 14.20 33.03
C ILE A 259 10.28 15.34 32.02
N VAL A 260 11.53 15.68 31.69
CA VAL A 260 11.73 16.73 30.69
C VAL A 260 11.38 16.22 29.30
N THR A 261 11.66 14.92 29.05
CA THR A 261 11.26 14.24 27.83
C THR A 261 9.74 14.27 27.62
N TYR A 262 8.98 13.69 28.55
CA TYR A 262 7.56 13.57 28.31
C TYR A 262 6.83 14.91 28.44
N THR A 263 7.41 15.90 29.12
CA THR A 263 6.80 17.23 29.11
C THR A 263 6.95 17.89 27.74
N ARG A 264 8.13 17.77 27.11
CA ARG A 264 8.29 18.31 25.76
C ARG A 264 7.43 17.56 24.75
N ILE A 265 7.28 16.24 24.93
CA ILE A 265 6.45 15.47 24.00
C ILE A 265 4.97 15.79 24.19
N TYR A 266 4.57 16.23 25.39
CA TYR A 266 3.19 16.66 25.55
C TYR A 266 2.96 18.09 25.09
N ARG A 267 4.02 18.90 24.97
CA ARG A 267 3.90 20.18 24.28
C ARG A 267 3.69 19.98 22.78
N ILE A 268 4.49 19.10 22.18
CA ILE A 268 4.38 18.79 20.75
C ILE A 268 3.00 18.22 20.43
N ALA A 269 2.57 17.22 21.20
CA ALA A 269 1.28 16.58 21.00
C ALA A 269 0.13 17.57 21.18
N GLN A 270 0.24 18.48 22.17
CA GLN A 270 -0.79 19.48 22.38
C GLN A 270 -0.93 20.41 21.18
N LYS A 271 0.20 20.84 20.60
CA LYS A 271 0.14 21.71 19.42
C LYS A 271 -0.50 21.01 18.22
N GLN A 272 -0.14 19.73 18.02
CA GLN A 272 -0.74 18.96 16.91
C GLN A 272 -2.25 18.80 17.10
N ILE A 273 -2.69 18.55 18.34
CA ILE A 273 -4.12 18.43 18.64
C ILE A 273 -4.85 19.74 18.37
N ARG A 274 -4.22 20.88 18.70
CA ARG A 274 -4.84 22.18 18.42
C ARG A 274 -5.02 22.41 16.93
N ARG A 275 -4.02 22.04 16.12
CA ARG A 275 -4.14 22.19 14.66
C ARG A 275 -5.25 21.29 14.09
N ILE A 276 -5.34 20.05 14.59
CA ILE A 276 -6.39 19.14 14.11
C ILE A 276 -7.76 19.63 14.54
N ALA A 277 -7.88 20.17 15.76
CA ALA A 277 -9.15 20.68 16.23
C ALA A 277 -9.58 21.93 15.47
N ALA A 278 -8.61 22.73 15.00
CA ALA A 278 -8.95 23.90 14.20
C ALA A 278 -9.51 23.48 12.83
N LEU A 279 -8.84 22.54 12.17
CA LEU A 279 -9.35 22.03 10.88
C LEU A 279 -10.73 21.36 11.03
N GLU A 280 -10.88 20.50 12.04
CA GLU A 280 -12.16 19.88 12.38
C GLU A 280 -13.26 20.93 12.61
N ARG A 281 -12.94 22.00 13.36
CA ARG A 281 -13.97 22.97 13.71
C ARG A 281 -14.36 23.81 12.52
N ALA A 282 -13.43 24.04 11.59
CA ALA A 282 -13.78 24.70 10.33
C ALA A 282 -14.71 23.83 9.48
N ALA A 283 -14.39 22.53 9.38
CA ALA A 283 -15.28 21.55 8.75
C ALA A 283 -16.69 21.56 9.34
N VAL A 284 -16.78 21.40 10.68
CA VAL A 284 -18.05 21.42 11.41
C VAL A 284 -18.83 22.71 11.15
N HIS A 285 -18.13 23.86 11.14
CA HIS A 285 -18.77 25.14 10.82
C HIS A 285 -19.32 25.15 9.39
N ALA A 286 -18.58 24.59 8.44
CA ALA A 286 -19.06 24.51 7.06
C ALA A 286 -20.30 23.61 6.94
N LYS A 287 -20.32 22.50 7.69
CA LYS A 287 -21.45 21.58 7.65
C LYS A 287 -22.71 22.21 8.24
N ASN A 288 -22.58 22.86 9.41
CA ASN A 288 -23.72 23.49 10.07
C ASN A 288 -24.30 24.62 9.23
N CYS A 289 -23.43 25.42 8.60
CA CYS A 289 -23.88 26.53 7.76
C CYS A 289 -24.69 26.06 6.55
N GLN A 290 -24.38 24.88 6.02
CA GLN A 290 -25.11 24.30 4.91
C GLN A 290 -26.55 23.94 5.29
N PHE A 312 -11.16 16.78 22.17
CA PHE A 312 -11.08 16.58 23.61
C PHE A 312 -10.72 15.13 23.91
N LYS A 313 -11.32 14.22 23.12
CA LYS A 313 -11.05 12.79 23.26
C LYS A 313 -9.62 12.45 22.89
N ARG A 314 -9.08 13.11 21.86
CA ARG A 314 -7.70 12.86 21.45
C ARG A 314 -6.71 13.38 22.49
N GLU A 315 -7.06 14.48 23.16
CA GLU A 315 -6.18 15.04 24.17
C GLU A 315 -6.24 14.20 25.45
N THR A 316 -7.42 13.65 25.74
CA THR A 316 -7.57 12.71 26.84
C THR A 316 -6.75 11.45 26.57
N LYS A 317 -6.77 10.95 25.33
CA LYS A 317 -5.92 9.82 24.94
C LYS A 317 -4.43 10.12 25.14
N VAL A 318 -3.98 11.33 24.75
CA VAL A 318 -2.56 11.70 24.89
C VAL A 318 -2.18 11.74 26.37
N LEU A 319 -3.08 12.30 27.19
CA LEU A 319 -2.78 12.48 28.60
C LEU A 319 -2.85 11.14 29.32
N LYS A 320 -3.76 10.26 28.89
CA LYS A 320 -3.87 8.92 29.45
C LYS A 320 -2.62 8.09 29.17
N THR A 321 -2.11 8.12 27.93
CA THR A 321 -0.92 7.36 27.59
C THR A 321 0.31 7.84 28.39
N LEU A 322 0.54 9.16 28.37
CA LEU A 322 1.71 9.69 29.07
C LEU A 322 1.57 9.52 30.59
N SER A 323 0.35 9.67 31.10
CA SER A 323 0.07 9.50 32.52
C SER A 323 0.30 8.05 32.95
N VAL A 324 -0.13 7.08 32.14
CA VAL A 324 0.04 5.67 32.50
C VAL A 324 1.52 5.31 32.56
N ILE A 325 2.31 5.76 31.57
CA ILE A 325 3.74 5.45 31.54
C ILE A 325 4.46 6.08 32.74
N MET A 326 4.29 7.40 32.91
CA MET A 326 4.98 8.11 33.98
C MET A 326 4.49 7.70 35.36
N GLY A 327 3.17 7.54 35.51
CA GLY A 327 2.60 7.16 36.79
C GLY A 327 3.01 5.78 37.25
N VAL A 328 3.07 4.81 36.32
CA VAL A 328 3.41 3.45 36.72
C VAL A 328 4.89 3.38 37.11
N PHE A 329 5.77 4.00 36.31
CA PHE A 329 7.19 3.93 36.62
C PHE A 329 7.55 4.69 37.90
N VAL A 330 7.11 5.94 38.02
CA VAL A 330 7.40 6.75 39.20
C VAL A 330 6.73 6.18 40.44
N CYS A 331 5.45 5.77 40.35
CA CYS A 331 4.73 5.22 41.49
C CYS A 331 5.33 3.92 41.98
N CYS A 332 5.83 3.08 41.07
CA CYS A 332 6.46 1.84 41.50
C CYS A 332 7.81 2.08 42.15
N TRP A 333 8.68 2.91 41.55
CA TRP A 333 10.03 2.99 42.09
C TRP A 333 10.27 4.09 43.13
N LEU A 334 9.38 5.07 43.27
CA LEU A 334 9.63 6.15 44.23
C LEU A 334 9.54 5.79 45.72
N PRO A 335 8.59 4.98 46.22
CA PRO A 335 8.60 4.67 47.65
C PRO A 335 9.68 3.69 48.09
N PHE A 336 10.52 3.22 47.17
CA PHE A 336 11.68 2.44 47.57
C PHE A 336 12.97 3.22 47.52
N PHE A 337 13.10 4.20 46.62
CA PHE A 337 14.30 5.01 46.65
C PHE A 337 14.21 6.16 47.66
N ILE A 338 13.00 6.56 48.06
CA ILE A 338 12.89 7.44 49.23
C ILE A 338 13.38 6.73 50.48
N LEU A 339 12.90 5.49 50.71
CA LEU A 339 13.36 4.71 51.86
C LEU A 339 14.84 4.38 51.76
N ASN A 340 15.32 4.11 50.54
CA ASN A 340 16.71 3.74 50.31
C ASN A 340 17.64 4.90 50.64
N CYS A 341 17.24 6.13 50.29
CA CYS A 341 18.03 7.28 50.68
C CYS A 341 17.93 7.57 52.18
N ILE A 342 16.75 7.37 52.77
CA ILE A 342 16.55 7.70 54.19
C ILE A 342 17.31 6.74 55.11
N LEU A 343 17.03 5.42 54.99
CA LEU A 343 17.55 4.33 55.85
C LEU A 343 19.00 4.42 56.33
N PRO A 344 20.03 4.63 55.49
CA PRO A 344 21.39 4.76 56.05
C PRO A 344 21.57 5.99 56.93
N PHE A 345 21.18 7.16 56.41
CA PHE A 345 21.17 8.42 57.16
C PHE A 345 20.50 8.30 58.53
N CYS A 346 19.42 7.54 58.61
CA CYS A 346 18.78 7.23 59.89
C CYS A 346 19.68 6.34 60.75
N PHE A 354 11.89 6.08 65.44
CA PHE A 354 12.19 5.05 64.45
C PHE A 354 11.97 5.53 63.03
N CYS A 355 12.53 4.82 62.06
CA CYS A 355 12.42 5.22 60.67
C CYS A 355 11.68 4.21 59.81
N ILE A 356 12.17 2.97 59.70
CA ILE A 356 11.65 1.98 58.75
C ILE A 356 11.69 0.60 59.40
N ASP A 357 10.58 -0.14 59.34
CA ASP A 357 10.55 -1.54 59.72
C ASP A 357 10.95 -2.43 58.55
N SER A 358 11.50 -3.61 58.86
CA SER A 358 12.10 -4.47 57.85
C SER A 358 11.05 -5.08 56.92
N ASN A 359 9.91 -5.49 57.48
CA ASN A 359 8.77 -5.99 56.69
C ASN A 359 8.31 -4.97 55.65
N THR A 360 8.15 -3.71 56.08
CA THR A 360 7.75 -2.61 55.21
C THR A 360 8.70 -2.44 54.03
N PHE A 361 10.01 -2.37 54.34
CA PHE A 361 11.05 -2.27 53.33
C PHE A 361 11.00 -3.44 52.34
N ASP A 362 10.81 -4.66 52.86
CA ASP A 362 10.60 -5.86 52.03
C ASP A 362 9.44 -5.67 51.05
N VAL A 363 8.30 -5.19 51.55
CA VAL A 363 7.10 -5.04 50.71
C VAL A 363 7.35 -4.01 49.60
N PHE A 364 8.05 -2.92 49.93
CA PHE A 364 8.33 -1.92 48.89
C PHE A 364 9.36 -2.43 47.88
N VAL A 365 10.27 -3.31 48.31
CA VAL A 365 11.19 -3.96 47.38
C VAL A 365 10.42 -4.83 46.40
N TRP A 366 9.40 -5.54 46.90
CA TRP A 366 8.51 -6.31 46.03
C TRP A 366 7.74 -5.43 45.05
N PHE A 367 7.32 -4.22 45.46
CA PHE A 367 6.67 -3.33 44.49
C PHE A 367 7.64 -2.89 43.40
N GLY A 368 8.87 -2.57 43.80
CA GLY A 368 9.93 -2.23 42.85
C GLY A 368 10.15 -3.33 41.82
N TRP A 369 10.14 -4.58 42.26
CA TRP A 369 10.32 -5.69 41.33
C TRP A 369 9.06 -5.94 40.53
N ALA A 370 7.89 -5.67 41.13
CA ALA A 370 6.59 -5.87 40.48
C ALA A 370 6.45 -5.02 39.24
N ASN A 371 7.11 -3.84 39.21
CA ASN A 371 7.07 -2.98 38.02
C ASN A 371 7.60 -3.69 36.77
N SER A 372 8.56 -4.61 36.94
CA SER A 372 9.12 -5.36 35.83
C SER A 372 8.13 -6.31 35.17
N SER A 373 7.07 -6.69 35.88
CA SER A 373 5.97 -7.42 35.25
C SER A 373 5.12 -6.52 34.37
N LEU A 374 4.81 -5.30 34.84
CA LEU A 374 3.98 -4.39 34.08
C LEU A 374 4.69 -3.74 32.91
N ASN A 375 6.03 -3.75 32.88
CA ASN A 375 6.74 -3.07 31.78
C ASN A 375 6.55 -3.64 30.36
N PRO A 376 6.42 -4.96 30.13
CA PRO A 376 6.15 -5.39 28.74
C PRO A 376 4.75 -5.08 28.26
N ILE A 377 3.74 -5.20 29.14
CA ILE A 377 2.36 -4.87 28.78
C ILE A 377 2.26 -3.40 28.36
N ILE A 378 2.98 -2.52 29.05
CA ILE A 378 2.90 -1.10 28.75
C ILE A 378 3.71 -0.74 27.51
N TYR A 379 4.92 -1.29 27.39
CA TYR A 379 5.76 -0.99 26.24
C TYR A 379 5.54 -1.96 25.07
N ALA A 380 4.43 -2.70 25.08
CA ALA A 380 4.09 -3.59 23.97
C ALA A 380 2.61 -3.48 23.62
N PHE A 381 2.06 -2.27 23.65
CA PHE A 381 0.71 -2.03 23.14
C PHE A 381 0.67 -1.83 21.63
N ASN A 382 1.77 -2.04 20.92
CA ASN A 382 1.76 -1.91 19.48
C ASN A 382 0.95 -3.05 18.85
N ALA A 383 0.31 -2.74 17.72
CA ALA A 383 -0.53 -3.71 17.03
C ALA A 383 0.29 -4.85 16.45
N ASP A 384 1.50 -4.55 15.95
CA ASP A 384 2.43 -5.58 15.49
C ASP A 384 2.78 -6.56 16.60
N PHE A 385 3.01 -6.05 17.82
CA PHE A 385 3.23 -6.93 18.97
C PHE A 385 2.00 -7.77 19.27
N ARG A 386 0.80 -7.20 19.12
CA ARG A 386 -0.40 -7.98 19.47
C ARG A 386 -0.66 -9.05 18.44
N LYS A 387 -0.28 -8.79 17.18
CA LYS A 387 -0.38 -9.79 16.13
C LYS A 387 0.65 -10.89 16.32
N ALA A 388 1.86 -10.52 16.74
CA ALA A 388 2.90 -11.51 16.95
C ALA A 388 2.68 -12.29 18.24
N PHE A 389 1.91 -11.74 19.19
CA PHE A 389 1.56 -12.49 20.39
C PHE A 389 0.38 -13.41 20.15
N SER A 390 -0.55 -13.02 19.29
CA SER A 390 -1.62 -13.93 18.87
C SER A 390 -1.06 -15.10 18.07
N THR A 391 -0.19 -14.82 17.10
CA THR A 391 0.55 -15.86 16.38
C THR A 391 1.34 -16.77 17.30
N LEU A 392 2.30 -16.21 18.04
CA LEU A 392 3.20 -16.96 18.91
C LEU A 392 2.46 -17.76 19.98
N LEU A 393 1.60 -17.09 20.75
CA LEU A 393 0.84 -17.77 21.80
C LEU A 393 -0.12 -18.80 21.23
N GLY A 394 -0.71 -18.52 20.07
CA GLY A 394 -1.68 -19.42 19.50
C GLY A 394 -3.07 -19.31 20.09
N CYS A 395 -3.36 -18.22 20.80
CA CYS A 395 -4.68 -18.03 21.39
C CYS A 395 -5.72 -17.77 20.30
N TYR A 396 -5.52 -16.73 19.52
CA TYR A 396 -6.42 -16.44 18.40
C TYR A 396 -6.07 -17.29 17.19
N THR B 9 33.70 -32.61 -5.30
CA THR B 9 32.87 -31.46 -5.01
C THR B 9 33.73 -30.20 -4.84
N GLU B 10 35.01 -30.31 -5.20
CA GLU B 10 35.94 -29.20 -5.04
C GLU B 10 35.60 -28.04 -5.97
N ASP B 11 35.28 -28.36 -7.23
CA ASP B 11 34.92 -27.34 -8.22
C ASP B 11 33.65 -26.59 -7.80
N GLN B 12 32.70 -27.30 -7.19
CA GLN B 12 31.48 -26.65 -6.72
C GLN B 12 31.77 -25.77 -5.50
N ARG B 13 32.80 -26.12 -4.71
CA ARG B 13 33.24 -25.23 -3.63
C ARG B 13 33.87 -23.96 -4.18
N ASN B 14 34.64 -24.09 -5.27
CA ASN B 14 35.22 -22.92 -5.94
C ASN B 14 34.13 -21.99 -6.48
N GLU B 15 33.17 -22.56 -7.23
CA GLU B 15 32.03 -21.80 -7.74
C GLU B 15 31.23 -21.14 -6.62
N GLU B 16 31.07 -21.82 -5.48
CA GLU B 16 30.32 -21.26 -4.37
C GLU B 16 31.09 -20.12 -3.70
N LYS B 17 32.41 -20.23 -3.63
CA LYS B 17 33.23 -19.12 -3.11
C LYS B 17 33.14 -17.89 -4.01
N ALA B 18 33.17 -18.11 -5.33
CA ALA B 18 33.07 -16.99 -6.27
C ALA B 18 31.70 -16.31 -6.19
N GLN B 19 30.62 -17.11 -6.14
CA GLN B 19 29.28 -16.55 -5.99
C GLN B 19 29.11 -15.83 -4.65
N ARG B 20 29.77 -16.32 -3.59
CA ARG B 20 29.68 -15.65 -2.30
C ARG B 20 30.42 -14.31 -2.31
N GLU B 21 31.55 -14.24 -3.00
CA GLU B 21 32.28 -12.98 -3.13
C GLU B 21 31.47 -11.94 -3.90
N ALA B 22 30.90 -12.35 -5.05
CA ALA B 22 29.99 -11.49 -5.81
C ALA B 22 28.80 -11.02 -4.97
N ASN B 23 28.23 -11.93 -4.16
CA ASN B 23 27.10 -11.58 -3.31
C ASN B 23 27.51 -10.59 -2.21
N LYS B 24 28.74 -10.70 -1.69
CA LYS B 24 29.23 -9.76 -0.70
C LYS B 24 29.39 -8.36 -1.29
N MET B 25 29.95 -8.28 -2.51
CA MET B 25 30.13 -6.98 -3.18
C MET B 25 28.78 -6.32 -3.46
N ILE B 26 27.84 -7.08 -4.04
CA ILE B 26 26.50 -6.58 -4.32
C ILE B 26 25.79 -6.15 -3.04
N GLU B 27 25.90 -6.94 -1.96
CA GLU B 27 25.27 -6.60 -0.69
C GLU B 27 25.80 -5.29 -0.11
N LYS B 28 27.12 -5.07 -0.19
CA LYS B 28 27.69 -3.80 0.26
C LYS B 28 27.17 -2.61 -0.56
N GLN B 29 27.17 -2.76 -1.89
CA GLN B 29 26.60 -1.73 -2.76
C GLN B 29 25.13 -1.43 -2.42
N LEU B 30 24.35 -2.49 -2.15
CA LEU B 30 22.95 -2.31 -1.75
C LEU B 30 22.81 -1.61 -0.41
N GLN B 31 23.76 -1.82 0.52
CA GLN B 31 23.70 -1.10 1.79
C GLN B 31 23.95 0.39 1.60
N LYS B 32 24.93 0.74 0.76
CA LYS B 32 25.17 2.15 0.42
C LYS B 32 23.94 2.78 -0.26
N ASP B 33 23.34 2.04 -1.19
CA ASP B 33 22.13 2.51 -1.86
C ASP B 33 20.96 2.60 -0.91
N LYS B 34 20.90 1.74 0.10
CA LYS B 34 19.85 1.81 1.12
C LYS B 34 19.97 3.08 1.94
N GLN B 35 21.21 3.48 2.25
CA GLN B 35 21.42 4.74 2.96
C GLN B 35 20.98 5.93 2.12
N VAL B 36 21.36 5.94 0.84
CA VAL B 36 21.00 7.05 -0.05
C VAL B 36 19.49 7.09 -0.29
N TYR B 37 18.87 5.92 -0.45
CA TYR B 37 17.42 5.82 -0.62
C TYR B 37 16.67 6.33 0.61
N ARG B 38 17.09 5.92 1.81
CA ARG B 38 16.42 6.35 3.03
C ARG B 38 16.59 7.84 3.29
N ALA B 39 17.71 8.43 2.86
CA ALA B 39 17.87 9.88 3.04
C ALA B 39 16.91 10.68 2.16
N THR B 40 16.48 10.10 1.03
CA THR B 40 15.65 10.78 0.05
C THR B 40 14.17 10.77 0.46
N HIS B 41 13.50 11.92 0.29
CA HIS B 41 12.07 12.04 0.55
C HIS B 41 11.33 12.34 -0.76
N ARG B 42 10.41 11.44 -1.12
CA ARG B 42 9.63 11.54 -2.35
C ARG B 42 8.37 12.40 -2.18
N LEU B 43 7.95 13.01 -3.29
CA LEU B 43 6.84 13.96 -3.33
C LEU B 43 6.19 13.84 -4.69
N LEU B 44 4.90 13.49 -4.74
CA LEU B 44 4.20 13.43 -6.02
C LEU B 44 3.49 14.74 -6.34
N LEU B 45 3.83 15.37 -7.47
CA LEU B 45 3.27 16.66 -7.86
C LEU B 45 2.12 16.43 -8.84
N LEU B 46 0.90 16.70 -8.39
CA LEU B 46 -0.30 16.50 -9.19
C LEU B 46 -1.09 17.80 -9.29
N GLY B 47 -1.48 18.14 -10.51
CA GLY B 47 -2.27 19.34 -10.74
C GLY B 47 -2.88 19.32 -12.12
N ALA B 48 -3.93 20.11 -12.29
CA ALA B 48 -4.61 20.19 -13.57
C ALA B 48 -3.79 21.01 -14.56
N ASP B 49 -4.21 20.95 -15.83
CA ASP B 49 -3.44 21.61 -16.89
C ASP B 49 -3.64 23.12 -16.94
N ASN B 50 -4.73 23.63 -16.37
CA ASN B 50 -4.90 25.08 -16.33
C ASN B 50 -3.93 25.73 -15.33
N SER B 51 -3.68 25.07 -14.21
CA SER B 51 -2.92 25.65 -13.12
C SER B 51 -1.44 25.63 -13.44
N GLY B 52 -0.74 26.65 -12.95
CA GLY B 52 0.70 26.72 -13.10
C GLY B 52 1.41 25.91 -12.04
N LYS B 53 1.33 24.59 -12.12
CA LYS B 53 1.98 23.74 -11.14
C LYS B 53 3.50 23.75 -11.31
N SER B 54 3.98 24.05 -12.52
CA SER B 54 5.42 24.14 -12.75
C SER B 54 6.03 25.35 -12.06
N THR B 55 5.24 26.42 -11.92
CA THR B 55 5.67 27.69 -11.37
C THR B 55 5.62 27.71 -9.84
N ILE B 56 5.20 26.59 -9.22
CA ILE B 56 5.03 26.54 -7.76
C ILE B 56 6.36 26.66 -7.03
N VAL B 57 7.36 25.87 -7.43
CA VAL B 57 8.64 25.83 -6.73
C VAL B 57 9.67 26.58 -7.55
N LYS B 58 10.30 27.59 -6.95
CA LYS B 58 11.38 28.32 -7.57
C LYS B 58 12.73 28.09 -6.90
N GLN B 59 12.77 27.27 -5.85
CA GLN B 59 14.01 26.92 -5.17
C GLN B 59 14.55 25.58 -5.67
N MET B 60 14.12 25.14 -6.86
CA MET B 60 14.65 23.93 -7.44
C MET B 60 16.12 24.09 -7.83
N ARG B 61 16.93 23.10 -7.46
CA ARG B 61 18.32 23.12 -7.87
C ARG B 61 18.45 22.81 -9.35
N ILE B 62 17.70 21.82 -9.82
CA ILE B 62 17.72 21.36 -11.21
C ILE B 62 16.30 21.05 -11.64
N TYR B 63 16.09 21.01 -12.95
CA TYR B 63 14.81 20.63 -13.53
C TYR B 63 15.10 19.60 -14.62
N HIS B 64 15.25 18.33 -14.23
CA HIS B 64 15.57 17.31 -15.22
C HIS B 64 14.31 16.71 -15.81
N VAL B 65 14.37 16.42 -17.11
CA VAL B 65 13.21 16.00 -17.90
C VAL B 65 13.50 14.62 -18.45
N ASN B 66 12.68 13.63 -18.08
CA ASN B 66 12.72 12.34 -18.73
C ASN B 66 11.69 12.35 -19.87
N SER B 67 11.54 11.20 -20.54
CA SER B 67 10.69 11.15 -21.72
C SER B 67 9.21 11.31 -21.38
N GLY B 68 8.75 10.65 -20.33
CA GLY B 68 7.35 10.73 -19.97
C GLY B 68 7.07 11.24 -18.56
N ILE B 69 8.07 11.88 -17.95
CA ILE B 69 7.98 12.29 -16.55
C ILE B 69 9.05 13.36 -16.32
N PHE B 70 8.89 14.15 -15.26
CA PHE B 70 9.82 15.22 -14.92
C PHE B 70 10.28 15.00 -13.49
N GLU B 71 11.58 15.14 -13.24
CA GLU B 71 12.07 14.96 -11.88
C GLU B 71 12.78 16.24 -11.43
N THR B 72 12.55 16.58 -10.17
CA THR B 72 13.17 17.73 -9.54
C THR B 72 13.86 17.31 -8.25
N LYS B 73 15.11 17.70 -8.08
CA LYS B 73 15.86 17.50 -6.85
C LYS B 73 16.08 18.85 -6.19
N PHE B 74 15.66 18.98 -4.94
CA PHE B 74 16.09 20.13 -4.16
C PHE B 74 16.30 19.74 -2.71
N GLN B 75 17.21 20.45 -2.05
CA GLN B 75 17.51 20.17 -0.66
C GLN B 75 17.20 21.40 0.20
N VAL B 76 16.57 21.14 1.34
CA VAL B 76 16.25 22.18 2.32
C VAL B 76 16.78 21.69 3.67
N ASP B 77 17.74 22.44 4.23
CA ASP B 77 18.39 22.14 5.52
C ASP B 77 19.03 20.74 5.51
N LYS B 78 19.78 20.47 4.44
CA LYS B 78 20.47 19.20 4.19
C LYS B 78 19.52 18.00 4.16
N VAL B 79 18.31 18.19 3.65
CA VAL B 79 17.31 17.13 3.52
C VAL B 79 16.88 17.07 2.07
N ASN B 80 17.13 15.94 1.42
CA ASN B 80 16.95 15.81 -0.03
C ASN B 80 15.50 15.51 -0.39
N PHE B 81 14.99 16.21 -1.39
CA PHE B 81 13.63 16.04 -1.88
C PHE B 81 13.65 15.72 -3.36
N HIS B 82 12.87 14.72 -3.74
CA HIS B 82 12.55 14.38 -5.12
C HIS B 82 11.08 14.66 -5.38
N MET B 83 10.80 15.45 -6.42
CA MET B 83 9.45 15.84 -6.77
C MET B 83 9.19 15.40 -8.20
N PHE B 84 8.22 14.50 -8.35
CA PHE B 84 7.95 13.81 -9.62
C PHE B 84 6.72 14.43 -10.26
N ASP B 85 6.92 15.12 -11.37
CA ASP B 85 5.84 15.74 -12.13
C ASP B 85 5.46 14.78 -13.25
N VAL B 86 4.20 14.34 -13.25
CA VAL B 86 3.72 13.45 -14.30
C VAL B 86 3.57 14.21 -15.60
N GLY B 87 4.20 13.71 -16.66
CA GLY B 87 4.19 14.41 -17.94
C GLY B 87 3.20 13.86 -18.94
N ALA B 88 3.70 13.21 -19.98
CA ALA B 88 2.87 12.73 -21.08
C ALA B 88 2.29 11.37 -20.70
N GLN B 89 1.03 11.37 -20.26
CA GLN B 89 0.31 10.15 -19.95
C GLN B 89 -1.11 10.27 -20.48
N ARG B 90 -1.81 9.14 -20.50
CA ARG B 90 -3.19 9.08 -20.93
C ARG B 90 -4.09 9.71 -19.85
N ASP B 91 -5.30 10.09 -20.28
CA ASP B 91 -6.25 10.77 -19.40
C ASP B 91 -6.71 9.87 -18.25
N GLU B 92 -6.81 8.56 -18.47
CA GLU B 92 -7.18 7.63 -17.41
C GLU B 92 -5.99 7.39 -16.49
N ARG B 93 -6.16 7.74 -15.21
CA ARG B 93 -5.06 7.69 -14.25
C ARG B 93 -5.25 6.65 -13.15
N ARG B 94 -6.23 5.76 -13.27
CA ARG B 94 -6.55 4.86 -12.16
C ARG B 94 -5.62 3.64 -12.08
N LYS B 95 -4.64 3.52 -12.97
CA LYS B 95 -3.73 2.38 -12.93
C LYS B 95 -2.28 2.74 -12.63
N TRP B 96 -1.80 3.91 -13.07
CA TRP B 96 -0.43 4.30 -12.75
C TRP B 96 -0.33 5.09 -11.45
N ILE B 97 -1.44 5.40 -10.79
CA ILE B 97 -1.36 6.10 -9.51
C ILE B 97 -0.95 5.15 -8.39
N GLN B 98 -1.11 3.83 -8.61
CA GLN B 98 -0.82 2.83 -7.59
C GLN B 98 0.67 2.77 -7.27
N CYS B 99 1.52 3.15 -8.25
CA CYS B 99 2.96 3.23 -8.04
C CYS B 99 3.29 4.19 -6.91
N PHE B 100 2.55 5.30 -6.81
CA PHE B 100 2.95 6.42 -5.97
C PHE B 100 2.42 6.30 -4.54
N ASN B 101 2.11 5.09 -4.07
CA ASN B 101 1.69 4.96 -2.68
C ASN B 101 2.86 5.14 -1.70
N ASP B 102 4.08 4.86 -2.14
CA ASP B 102 5.24 4.90 -1.26
C ASP B 102 5.76 6.30 -0.98
N VAL B 103 5.23 7.33 -1.65
CA VAL B 103 5.75 8.68 -1.43
C VAL B 103 5.31 9.21 -0.08
N THR B 104 6.04 10.20 0.43
CA THR B 104 5.71 10.77 1.72
C THR B 104 4.48 11.67 1.64
N ALA B 105 4.30 12.36 0.51
CA ALA B 105 3.19 13.30 0.39
C ALA B 105 2.88 13.56 -1.07
N ILE B 106 1.66 14.06 -1.28
CA ILE B 106 1.17 14.38 -2.62
C ILE B 106 0.81 15.86 -2.62
N ILE B 107 1.52 16.62 -3.44
CA ILE B 107 1.30 18.05 -3.58
C ILE B 107 0.25 18.21 -4.66
N PHE B 108 -0.84 18.89 -4.35
CA PHE B 108 -1.98 19.00 -5.23
C PHE B 108 -2.24 20.48 -5.47
N VAL B 109 -2.21 20.89 -6.73
CA VAL B 109 -2.13 22.31 -7.09
C VAL B 109 -3.33 22.64 -7.98
N VAL B 110 -4.13 23.62 -7.56
CA VAL B 110 -5.39 23.92 -8.22
C VAL B 110 -5.51 25.40 -8.54
N ASP B 111 -6.10 25.71 -9.69
CA ASP B 111 -6.29 27.07 -10.16
C ASP B 111 -7.64 27.56 -9.67
N SER B 112 -7.62 28.65 -8.90
CA SER B 112 -8.85 29.25 -8.39
C SER B 112 -9.47 30.22 -9.39
N SER B 113 -8.67 30.75 -10.33
CA SER B 113 -9.10 31.87 -11.16
C SER B 113 -10.21 31.48 -12.13
N ASP B 114 -10.11 30.29 -12.72
CA ASP B 114 -11.19 29.77 -13.55
C ASP B 114 -12.08 28.84 -12.74
N TYR B 115 -13.38 29.02 -12.88
CA TYR B 115 -14.37 28.43 -11.98
C TYR B 115 -14.90 27.09 -12.44
N ASN B 116 -15.02 26.89 -13.76
CA ASN B 116 -15.50 25.61 -14.30
C ASN B 116 -14.57 24.46 -13.95
N ARG B 117 -13.26 24.71 -14.05
CA ARG B 117 -12.24 23.70 -13.75
C ARG B 117 -12.24 23.30 -12.27
N LEU B 118 -12.59 24.23 -11.38
CA LEU B 118 -12.55 24.00 -9.93
C LEU B 118 -13.41 22.81 -9.51
N GLN B 119 -14.58 22.63 -10.13
CA GLN B 119 -15.46 21.51 -9.82
C GLN B 119 -14.79 20.18 -10.15
N GLU B 120 -14.11 20.12 -11.31
CA GLU B 120 -13.37 18.93 -11.69
C GLU B 120 -12.22 18.68 -10.72
N ALA B 121 -11.55 19.76 -10.31
CA ALA B 121 -10.48 19.65 -9.32
C ALA B 121 -11.00 19.11 -7.99
N LEU B 122 -12.23 19.47 -7.61
CA LEU B 122 -12.82 18.94 -6.38
C LEU B 122 -13.14 17.46 -6.51
N ASN B 123 -13.58 17.04 -7.71
CA ASN B 123 -13.84 15.62 -7.92
C ASN B 123 -12.55 14.81 -7.94
N ASP B 124 -11.49 15.37 -8.56
CA ASP B 124 -10.20 14.72 -8.56
C ASP B 124 -9.62 14.60 -7.16
N PHE B 125 -9.81 15.64 -6.32
CA PHE B 125 -9.34 15.58 -4.94
C PHE B 125 -10.13 14.54 -4.14
N LYS B 126 -11.44 14.41 -4.41
CA LYS B 126 -12.24 13.38 -3.78
C LYS B 126 -11.76 11.99 -4.16
N SER B 127 -11.41 11.80 -5.44
CA SER B 127 -11.00 10.48 -5.92
C SER B 127 -9.61 10.11 -5.40
N ILE B 128 -8.70 11.09 -5.31
CA ILE B 128 -7.44 10.90 -4.58
C ILE B 128 -7.69 10.48 -3.15
N TRP B 129 -8.59 11.21 -2.46
CA TRP B 129 -8.69 11.09 -1.01
C TRP B 129 -9.35 9.78 -0.60
N ASN B 130 -10.34 9.32 -1.37
CA ASN B 130 -11.06 8.10 -1.07
C ASN B 130 -10.46 6.87 -1.72
N ASN B 131 -9.32 6.99 -2.40
CA ASN B 131 -8.67 5.83 -2.99
C ASN B 131 -8.04 4.97 -1.90
N ARG B 132 -8.04 3.66 -2.14
CA ARG B 132 -7.58 2.70 -1.13
C ARG B 132 -6.08 2.80 -0.88
N TRP B 133 -5.30 3.05 -1.93
CA TRP B 133 -3.85 3.02 -1.79
C TRP B 133 -3.29 4.38 -1.41
N LEU B 134 -4.09 5.43 -1.54
CA LEU B 134 -3.70 6.78 -1.17
C LEU B 134 -4.21 7.15 0.23
N ARG B 135 -4.61 6.16 1.02
CA ARG B 135 -5.11 6.43 2.37
C ARG B 135 -3.98 6.79 3.33
N THR B 136 -2.82 6.17 3.18
CA THR B 136 -1.72 6.40 4.09
C THR B 136 -0.95 7.68 3.75
N ILE B 137 -1.20 8.27 2.59
CA ILE B 137 -0.44 9.41 2.10
C ILE B 137 -1.16 10.70 2.47
N SER B 138 -0.43 11.63 3.07
CA SER B 138 -0.98 12.96 3.26
C SER B 138 -0.92 13.75 1.95
N VAL B 139 -1.75 14.78 1.90
CA VAL B 139 -1.92 15.61 0.71
C VAL B 139 -1.74 17.06 1.13
N ILE B 140 -1.00 17.81 0.34
CA ILE B 140 -0.59 19.18 0.66
C ILE B 140 -1.12 20.05 -0.47
N LEU B 141 -1.90 21.06 -0.11
CA LEU B 141 -2.81 21.70 -1.05
C LEU B 141 -2.36 23.10 -1.34
N PHE B 142 -2.33 23.46 -2.62
CA PHE B 142 -1.94 24.79 -3.07
C PHE B 142 -3.06 25.37 -3.91
N LEU B 143 -3.57 26.51 -3.44
CA LEU B 143 -4.68 27.21 -4.08
C LEU B 143 -4.06 28.37 -4.83
N ASN B 144 -3.58 28.08 -6.04
CA ASN B 144 -2.74 29.00 -6.77
C ASN B 144 -3.57 30.16 -7.33
N LYS B 145 -2.85 31.24 -7.69
CA LYS B 145 -3.39 32.42 -8.40
C LYS B 145 -4.43 33.16 -7.55
N GLN B 146 -4.01 33.54 -6.33
CA GLN B 146 -4.86 34.31 -5.43
C GLN B 146 -4.97 35.76 -5.85
N ASP B 147 -3.86 36.32 -6.37
CA ASP B 147 -3.86 37.66 -6.93
C ASP B 147 -4.87 37.79 -8.07
N LEU B 148 -4.99 36.74 -8.90
CA LEU B 148 -6.00 36.73 -9.94
C LEU B 148 -7.41 36.73 -9.35
N LEU B 149 -7.63 36.03 -8.22
CA LEU B 149 -8.93 36.07 -7.56
C LEU B 149 -9.26 37.48 -7.08
N ALA B 150 -8.27 38.16 -6.49
CA ALA B 150 -8.41 39.57 -6.11
C ALA B 150 -8.81 40.43 -7.31
N GLU B 151 -7.98 40.41 -8.36
CA GLU B 151 -8.24 41.17 -9.59
C GLU B 151 -9.58 40.81 -10.24
N LYS B 152 -10.05 39.57 -10.10
CA LYS B 152 -11.23 39.10 -10.80
C LYS B 152 -12.53 39.27 -10.01
N VAL B 153 -12.46 39.52 -8.70
CA VAL B 153 -13.69 39.79 -7.94
C VAL B 153 -14.34 41.10 -8.39
N LEU B 154 -13.53 42.11 -8.70
CA LEU B 154 -14.04 43.39 -9.18
C LEU B 154 -14.32 43.32 -10.69
N ALA B 155 -15.33 42.51 -11.05
CA ALA B 155 -15.70 42.32 -12.44
C ALA B 155 -17.20 42.49 -12.69
N GLY B 156 -17.94 42.99 -11.71
CA GLY B 156 -19.36 43.25 -11.85
C GLY B 156 -20.27 42.08 -11.53
N LYS B 157 -19.82 40.85 -11.76
CA LYS B 157 -20.58 39.65 -11.45
C LYS B 157 -19.68 38.61 -10.81
N SER B 158 -20.22 37.93 -9.80
CA SER B 158 -19.47 36.88 -9.10
C SER B 158 -19.82 35.53 -9.72
N LYS B 159 -18.79 34.86 -10.24
CA LYS B 159 -18.99 33.54 -10.85
C LYS B 159 -19.27 32.48 -9.80
N ILE B 160 -18.59 32.56 -8.65
CA ILE B 160 -18.61 31.49 -7.66
C ILE B 160 -20.01 31.32 -7.07
N GLU B 161 -20.76 32.42 -6.90
CA GLU B 161 -22.10 32.31 -6.35
C GLU B 161 -23.09 31.74 -7.37
N ASP B 162 -22.82 31.93 -8.66
CA ASP B 162 -23.53 31.21 -9.71
C ASP B 162 -23.26 29.71 -9.63
N TYR B 163 -21.99 29.31 -9.73
CA TYR B 163 -21.61 27.90 -9.68
C TYR B 163 -21.84 27.23 -8.33
N PHE B 164 -22.08 27.97 -7.26
CA PHE B 164 -22.28 27.41 -5.94
C PHE B 164 -23.37 28.19 -5.20
N PRO B 165 -24.53 27.59 -4.97
CA PRO B 165 -25.59 28.29 -4.24
C PRO B 165 -25.29 28.47 -2.76
N GLU B 166 -24.42 27.63 -2.18
CA GLU B 166 -24.02 27.76 -0.78
C GLU B 166 -23.31 29.07 -0.46
N PHE B 167 -22.74 29.75 -1.46
CA PHE B 167 -21.89 30.90 -1.21
C PHE B 167 -22.70 32.18 -1.08
N ALA B 168 -24.00 32.11 -1.36
CA ALA B 168 -24.88 33.18 -0.94
C ALA B 168 -25.16 33.12 0.56
N ARG B 169 -24.96 31.96 1.20
CA ARG B 169 -25.14 31.82 2.64
C ARG B 169 -23.83 31.30 3.22
N TYR B 170 -22.90 32.21 3.48
CA TYR B 170 -21.59 31.85 4.01
C TYR B 170 -20.94 33.08 4.63
N THR B 171 -20.29 32.88 5.76
CA THR B 171 -19.54 33.92 6.44
C THR B 171 -18.10 33.47 6.63
N THR B 172 -17.22 34.46 6.81
CA THR B 172 -15.80 34.20 7.02
C THR B 172 -15.59 33.52 8.38
N PRO B 173 -14.78 32.47 8.45
CA PRO B 173 -14.55 31.81 9.75
C PRO B 173 -13.80 32.71 10.73
N GLU B 174 -14.22 32.63 12.00
CA GLU B 174 -13.63 33.47 13.04
C GLU B 174 -12.21 33.04 13.38
N ASP B 175 -11.87 31.78 13.15
CA ASP B 175 -10.49 31.33 13.36
C ASP B 175 -9.57 31.88 12.27
N ALA B 176 -10.11 32.12 11.07
CA ALA B 176 -9.33 32.63 9.96
C ALA B 176 -8.94 34.09 10.19
N THR B 177 -7.71 34.42 9.82
CA THR B 177 -7.18 35.77 9.98
C THR B 177 -6.92 36.37 8.61
N PRO B 178 -7.59 37.45 8.23
CA PRO B 178 -7.35 38.05 6.91
C PRO B 178 -6.03 38.82 6.89
N GLU B 179 -5.36 38.76 5.74
CA GLU B 179 -4.12 39.50 5.56
C GLU B 179 -4.43 40.99 5.39
N PRO B 180 -3.53 41.87 5.83
CA PRO B 180 -3.80 43.31 5.72
C PRO B 180 -3.72 43.80 4.28
N GLY B 181 -4.63 44.70 3.92
CA GLY B 181 -4.70 45.22 2.57
C GLY B 181 -5.56 44.42 1.63
N GLU B 182 -6.59 43.74 2.12
CA GLU B 182 -7.42 42.87 1.30
C GLU B 182 -8.89 43.20 1.52
N ASP B 183 -9.71 42.75 0.56
CA ASP B 183 -11.16 42.88 0.52
C ASP B 183 -11.79 41.70 1.28
N PRO B 184 -12.71 41.96 2.22
CA PRO B 184 -13.46 40.86 2.86
C PRO B 184 -14.18 39.92 1.90
N ARG B 185 -14.68 40.43 0.77
CA ARG B 185 -15.29 39.58 -0.26
C ARG B 185 -14.30 38.54 -0.78
N VAL B 186 -13.11 39.00 -1.17
CA VAL B 186 -12.08 38.12 -1.71
C VAL B 186 -11.65 37.08 -0.68
N THR B 187 -11.58 37.47 0.60
CA THR B 187 -11.20 36.51 1.63
C THR B 187 -12.31 35.53 1.93
N ARG B 188 -13.57 35.97 1.79
CA ARG B 188 -14.71 35.05 1.87
C ARG B 188 -14.61 33.98 0.79
N ALA B 189 -14.31 34.40 -0.45
CA ALA B 189 -14.18 33.46 -1.56
C ALA B 189 -13.02 32.48 -1.34
N LYS B 190 -11.87 33.00 -0.89
CA LYS B 190 -10.69 32.18 -0.57
C LYS B 190 -11.01 31.11 0.46
N TYR B 191 -11.51 31.53 1.62
CA TYR B 191 -11.84 30.59 2.68
C TYR B 191 -13.00 29.67 2.30
N PHE B 192 -13.87 30.07 1.36
CA PHE B 192 -14.97 29.16 1.01
C PHE B 192 -14.50 28.05 0.08
N ILE B 193 -13.52 28.36 -0.79
CA ILE B 193 -12.83 27.31 -1.54
C ILE B 193 -12.09 26.36 -0.59
N ARG B 194 -11.27 26.96 0.30
CA ARG B 194 -10.56 26.22 1.35
C ARG B 194 -11.49 25.31 2.15
N ASP B 195 -12.68 25.81 2.52
CA ASP B 195 -13.65 25.03 3.28
C ASP B 195 -14.25 23.89 2.46
N GLU B 196 -14.49 24.12 1.16
CA GLU B 196 -14.91 23.03 0.26
C GLU B 196 -13.90 21.88 0.30
N PHE B 197 -12.62 22.21 0.12
CA PHE B 197 -11.59 21.16 0.12
C PHE B 197 -11.44 20.51 1.50
N LEU B 198 -11.61 21.28 2.58
CA LEU B 198 -11.49 20.68 3.90
C LEU B 198 -12.72 19.85 4.27
N ARG B 199 -13.88 20.15 3.70
CA ARG B 199 -15.05 19.35 3.98
C ARG B 199 -14.98 18.02 3.23
N ILE B 200 -14.42 18.05 2.02
CA ILE B 200 -14.12 16.81 1.31
C ILE B 200 -13.07 15.99 2.06
N SER B 201 -12.08 16.65 2.66
CA SER B 201 -11.02 15.90 3.34
C SER B 201 -11.42 15.43 4.73
N THR B 202 -12.36 16.09 5.39
CA THR B 202 -12.81 15.72 6.71
C THR B 202 -13.98 14.73 6.67
N ALA B 203 -14.73 14.71 5.55
CA ALA B 203 -15.83 13.76 5.34
C ALA B 203 -15.42 12.30 5.59
N SER B 204 -14.23 11.90 5.12
CA SER B 204 -13.80 10.51 5.29
C SER B 204 -13.46 10.21 6.75
N GLY B 205 -12.65 11.06 7.38
CA GLY B 205 -12.38 10.95 8.80
C GLY B 205 -11.57 9.74 9.22
N ASP B 206 -10.60 9.34 8.39
CA ASP B 206 -9.81 8.15 8.70
C ASP B 206 -8.85 8.41 9.86
N GLY B 207 -8.17 9.55 9.84
CA GLY B 207 -7.18 9.87 10.85
C GLY B 207 -5.79 9.36 10.53
N ARG B 208 -5.58 8.75 9.37
CA ARG B 208 -4.25 8.32 8.95
C ARG B 208 -3.50 9.38 8.16
N HIS B 209 -4.23 10.30 7.53
CA HIS B 209 -3.61 11.33 6.71
C HIS B 209 -4.46 12.59 6.78
N TYR B 210 -3.82 13.72 6.52
CA TYR B 210 -4.45 15.03 6.69
C TYR B 210 -4.22 15.87 5.44
N CYS B 211 -4.87 17.03 5.40
CA CYS B 211 -4.86 17.91 4.23
C CYS B 211 -4.42 19.30 4.65
N TYR B 212 -3.29 19.76 4.10
CA TYR B 212 -2.65 20.99 4.53
C TYR B 212 -2.95 22.09 3.52
N PRO B 213 -3.75 23.10 3.85
CA PRO B 213 -4.10 24.12 2.85
C PRO B 213 -3.17 25.32 2.89
N HIS B 214 -2.81 25.80 1.70
CA HIS B 214 -1.89 26.91 1.58
C HIS B 214 -2.35 27.86 0.48
N PHE B 215 -2.29 29.16 0.79
CA PHE B 215 -2.61 30.21 -0.17
C PHE B 215 -1.31 30.73 -0.75
N THR B 216 -1.02 30.36 -1.99
CA THR B 216 0.22 30.75 -2.66
C THR B 216 -0.07 31.74 -3.78
N CYS B 217 0.99 32.32 -4.32
CA CYS B 217 0.89 33.36 -5.33
C CYS B 217 1.48 32.87 -6.64
N SER B 218 1.43 33.74 -7.66
CA SER B 218 2.01 33.41 -8.96
C SER B 218 3.53 33.37 -8.88
N VAL B 219 4.13 34.41 -8.29
CA VAL B 219 5.57 34.50 -8.11
C VAL B 219 5.83 34.54 -6.61
N ASP B 220 6.38 33.45 -6.06
CA ASP B 220 6.63 33.37 -4.64
C ASP B 220 7.80 32.42 -4.40
N THR B 221 8.61 32.74 -3.40
CA THR B 221 9.82 31.97 -3.08
C THR B 221 9.60 30.98 -1.95
N GLU B 222 8.64 31.25 -1.05
CA GLU B 222 8.46 30.54 0.22
C GLU B 222 7.93 29.11 0.08
N ASN B 223 7.62 28.64 -1.15
CA ASN B 223 6.89 27.39 -1.31
C ASN B 223 7.71 26.17 -0.89
N ALA B 224 9.04 26.23 -1.08
CA ALA B 224 9.87 25.08 -0.69
C ALA B 224 9.94 24.96 0.82
N ARG B 225 9.94 26.11 1.51
CA ARG B 225 9.96 26.10 2.97
C ARG B 225 8.61 25.65 3.52
N ARG B 226 7.54 25.96 2.78
CA ARG B 226 6.21 25.49 3.16
C ARG B 226 6.10 23.97 3.04
N ILE B 227 6.57 23.42 1.91
CA ILE B 227 6.59 21.97 1.72
C ILE B 227 7.52 21.27 2.71
N PHE B 228 8.62 21.92 3.11
CA PHE B 228 9.48 21.39 4.16
C PHE B 228 8.76 21.33 5.51
N ASN B 229 8.04 22.40 5.85
CA ASN B 229 7.37 22.47 7.14
C ASN B 229 6.24 21.45 7.21
N ASP B 230 5.47 21.34 6.12
CA ASP B 230 4.42 20.32 6.07
C ASP B 230 4.97 18.90 6.06
N CYS B 231 6.16 18.66 5.50
CA CYS B 231 6.82 17.37 5.67
C CYS B 231 7.18 17.09 7.12
N ARG B 232 7.63 18.12 7.84
CA ARG B 232 7.92 17.94 9.27
C ARG B 232 6.65 17.64 10.05
N ASP B 233 5.54 18.27 9.65
CA ASP B 233 4.25 17.97 10.27
C ASP B 233 3.80 16.55 9.96
N ILE B 234 4.10 16.05 8.76
CA ILE B 234 3.62 14.73 8.37
C ILE B 234 4.39 13.65 9.12
N ILE B 235 5.70 13.86 9.31
CA ILE B 235 6.45 12.81 9.97
C ILE B 235 6.30 12.89 11.49
N GLN B 236 6.01 14.09 12.04
CA GLN B 236 5.70 14.16 13.47
C GLN B 236 4.35 13.53 13.78
N ARG B 237 3.32 13.82 12.97
CA ARG B 237 2.04 13.14 13.15
C ARG B 237 2.15 11.63 12.94
N MET B 238 3.04 11.20 12.04
CA MET B 238 3.23 9.77 11.81
C MET B 238 3.86 9.07 13.01
N HIS B 239 4.84 9.71 13.65
CA HIS B 239 5.42 9.10 14.84
C HIS B 239 4.48 9.16 16.05
N LEU B 240 3.71 10.24 16.18
CA LEU B 240 2.66 10.31 17.20
C LEU B 240 1.62 9.21 17.03
N ARG B 241 1.15 8.97 15.79
CA ARG B 241 0.36 7.78 15.48
C ARG B 241 1.07 6.50 15.88
N GLN B 242 2.38 6.42 15.60
CA GLN B 242 3.11 5.15 15.70
C GLN B 242 3.29 4.72 17.14
N TYR B 243 3.50 5.68 18.05
CA TYR B 243 3.55 5.34 19.48
C TYR B 243 2.16 5.33 20.12
N GLU B 244 1.10 5.46 19.32
CA GLU B 244 -0.30 5.52 19.75
C GLU B 244 -0.49 6.61 20.81
N LEU B 245 0.02 7.80 20.50
CA LEU B 245 -0.19 8.91 21.40
C LEU B 245 -1.47 9.66 21.06
N LEU B 246 -1.64 10.05 19.79
CA LEU B 246 -2.85 10.74 19.33
C LEU B 246 -4.08 9.84 19.42
N GLU C 16 -25.50 8.13 -40.37
CA GLU C 16 -24.13 7.66 -40.43
C GLU C 16 -23.78 6.78 -39.23
N LEU C 17 -23.68 7.41 -38.04
CA LEU C 17 -23.22 6.69 -36.86
C LEU C 17 -24.26 5.73 -36.30
N ASP C 18 -25.53 5.88 -36.68
CA ASP C 18 -26.57 5.10 -36.04
C ASP C 18 -26.86 3.81 -36.80
N GLN C 19 -26.66 3.80 -38.11
CA GLN C 19 -26.75 2.56 -38.87
C GLN C 19 -25.51 1.71 -38.65
N LEU C 20 -24.36 2.35 -38.49
CA LEU C 20 -23.14 1.66 -38.06
C LEU C 20 -23.30 1.03 -36.68
N ARG C 21 -23.80 1.79 -35.69
CA ARG C 21 -23.97 1.19 -34.36
C ARG C 21 -25.09 0.16 -34.30
N GLN C 22 -26.09 0.25 -35.18
CA GLN C 22 -27.13 -0.75 -35.22
C GLN C 22 -26.63 -2.04 -35.88
N GLU C 23 -25.85 -1.89 -36.96
CA GLU C 23 -25.17 -3.04 -37.56
C GLU C 23 -24.23 -3.72 -36.57
N ALA C 24 -23.41 -2.94 -35.86
CA ALA C 24 -22.59 -3.46 -34.76
C ALA C 24 -23.39 -4.18 -33.69
N GLU C 25 -24.62 -3.72 -33.40
CA GLU C 25 -25.40 -4.40 -32.38
C GLU C 25 -26.04 -5.67 -32.90
N GLN C 26 -26.38 -5.71 -34.20
CA GLN C 26 -26.90 -6.94 -34.78
C GLN C 26 -25.80 -7.96 -34.97
N LEU C 27 -24.57 -7.50 -35.24
CA LEU C 27 -23.42 -8.41 -35.25
C LEU C 27 -23.12 -8.96 -33.87
N LYS C 28 -23.24 -8.14 -32.81
CA LYS C 28 -22.99 -8.68 -31.48
C LYS C 28 -24.13 -9.57 -31.00
N ASN C 29 -25.33 -9.41 -31.56
CA ASN C 29 -26.39 -10.36 -31.27
C ASN C 29 -26.21 -11.67 -32.04
N GLN C 30 -25.66 -11.62 -33.25
CA GLN C 30 -25.29 -12.84 -33.97
C GLN C 30 -24.17 -13.59 -33.23
N ILE C 31 -23.16 -12.86 -32.75
CA ILE C 31 -22.07 -13.45 -31.96
C ILE C 31 -22.62 -14.09 -30.68
N ARG C 32 -23.55 -13.42 -30.00
CA ARG C 32 -24.08 -14.02 -28.78
C ARG C 32 -25.09 -15.13 -29.04
N ASP C 33 -25.67 -15.17 -30.25
CA ASP C 33 -26.50 -16.31 -30.64
C ASP C 33 -25.63 -17.53 -30.92
N ALA C 34 -24.57 -17.36 -31.70
CA ALA C 34 -23.47 -18.33 -31.81
C ALA C 34 -23.01 -18.87 -30.45
N ARG C 35 -22.61 -17.97 -29.55
CA ARG C 35 -22.11 -18.35 -28.23
C ARG C 35 -23.16 -19.08 -27.38
N LYS C 36 -24.44 -18.82 -27.59
CA LYS C 36 -25.44 -19.50 -26.78
C LYS C 36 -25.89 -20.81 -27.42
N ALA C 37 -25.81 -20.91 -28.75
CA ALA C 37 -25.96 -22.20 -29.42
C ALA C 37 -24.86 -23.17 -29.03
N CYS C 38 -23.60 -22.69 -29.00
CA CYS C 38 -22.46 -23.55 -28.68
C CYS C 38 -22.53 -24.13 -27.27
N ALA C 39 -23.18 -23.45 -26.33
CA ALA C 39 -23.19 -23.88 -24.94
C ALA C 39 -24.07 -25.10 -24.74
N ASP C 40 -23.50 -26.29 -24.92
CA ASP C 40 -24.25 -27.53 -24.73
C ASP C 40 -24.43 -27.84 -23.25
N ALA C 41 -23.35 -27.80 -22.49
CA ALA C 41 -23.38 -28.02 -21.05
C ALA C 41 -22.25 -27.23 -20.42
N THR C 42 -22.15 -27.32 -19.10
CA THR C 42 -21.09 -26.63 -18.36
C THR C 42 -19.96 -27.59 -18.04
N LEU C 43 -18.82 -27.00 -17.65
CA LEU C 43 -17.66 -27.81 -17.29
C LEU C 43 -17.84 -28.48 -15.94
N SER C 44 -18.49 -27.79 -15.00
CA SER C 44 -18.61 -28.30 -13.63
C SER C 44 -19.58 -29.48 -13.52
N GLN C 45 -20.56 -29.56 -14.42
CA GLN C 45 -21.39 -30.75 -14.50
C GLN C 45 -20.61 -31.96 -15.02
N ILE C 46 -19.87 -31.76 -16.12
CA ILE C 46 -18.93 -32.75 -16.63
C ILE C 46 -17.94 -33.23 -15.57
N THR C 47 -17.37 -32.31 -14.80
CA THR C 47 -16.33 -32.65 -13.83
C THR C 47 -16.87 -33.12 -12.48
N ASN C 48 -18.12 -33.58 -12.40
CA ASN C 48 -18.66 -33.98 -11.10
C ASN C 48 -18.12 -35.33 -10.66
N ASN C 49 -17.80 -36.23 -11.59
CA ASN C 49 -17.19 -37.52 -11.26
C ASN C 49 -15.68 -37.45 -11.44
N ILE C 50 -15.09 -36.48 -10.74
CA ILE C 50 -13.65 -36.24 -10.74
C ILE C 50 -13.20 -36.15 -9.28
N ASP C 51 -12.11 -36.85 -8.96
CA ASP C 51 -11.59 -36.87 -7.59
C ASP C 51 -11.09 -35.48 -7.20
N PRO C 52 -11.53 -34.95 -6.05
CA PRO C 52 -11.07 -33.63 -5.63
C PRO C 52 -9.62 -33.64 -5.19
N VAL C 53 -9.00 -32.46 -5.29
CA VAL C 53 -7.58 -32.34 -4.99
C VAL C 53 -7.34 -32.40 -3.47
N GLY C 54 -8.20 -31.73 -2.70
CA GLY C 54 -8.03 -31.70 -1.26
C GLY C 54 -7.16 -30.56 -0.81
N ARG C 55 -6.81 -30.61 0.48
CA ARG C 55 -6.02 -29.55 1.09
C ARG C 55 -4.57 -29.65 0.63
N ILE C 56 -4.07 -28.58 0.03
CA ILE C 56 -2.70 -28.50 -0.46
C ILE C 56 -1.93 -27.54 0.43
N GLN C 57 -0.92 -28.06 1.12
CA GLN C 57 -0.12 -27.28 2.05
C GLN C 57 1.25 -27.02 1.41
N MET C 58 1.55 -25.74 1.16
CA MET C 58 2.83 -25.33 0.63
C MET C 58 3.53 -24.46 1.67
N ARG C 59 4.86 -24.56 1.71
CA ARG C 59 5.63 -23.89 2.74
C ARG C 59 6.70 -23.02 2.10
N THR C 60 7.08 -21.95 2.81
CA THR C 60 8.12 -21.02 2.41
C THR C 60 9.50 -21.64 2.50
N ARG C 61 9.99 -22.20 1.39
CA ARG C 61 11.32 -22.80 1.40
C ARG C 61 12.41 -21.73 1.51
N ARG C 62 12.24 -20.61 0.81
CA ARG C 62 13.19 -19.51 0.85
C ARG C 62 12.46 -18.19 0.97
N THR C 63 13.13 -17.20 1.55
CA THR C 63 12.68 -15.81 1.52
C THR C 63 13.82 -14.95 1.02
N LEU C 64 13.57 -14.23 -0.08
CA LEU C 64 14.54 -13.31 -0.64
C LEU C 64 14.35 -11.93 -0.03
N ARG C 65 15.46 -11.29 0.36
CA ARG C 65 15.42 -10.01 1.06
C ARG C 65 16.29 -8.97 0.37
N GLY C 66 16.48 -7.82 0.99
CA GLY C 66 17.40 -6.84 0.45
C GLY C 66 16.84 -5.89 -0.60
N HIS C 67 15.57 -6.03 -0.96
CA HIS C 67 14.91 -4.98 -1.73
C HIS C 67 14.51 -3.84 -0.82
N LEU C 68 14.56 -2.62 -1.37
CA LEU C 68 14.31 -1.41 -0.61
C LEU C 68 12.86 -0.95 -0.72
N ALA C 69 12.36 -0.85 -1.95
CA ALA C 69 10.98 -0.46 -2.21
C ALA C 69 10.18 -1.71 -2.58
N LYS C 70 8.91 -1.49 -2.93
CA LYS C 70 8.02 -2.60 -3.21
C LYS C 70 8.36 -3.28 -4.53
N ILE C 71 8.17 -4.60 -4.56
CA ILE C 71 8.50 -5.41 -5.72
C ILE C 71 7.28 -5.43 -6.64
N TYR C 72 7.42 -4.83 -7.81
CA TYR C 72 6.25 -4.65 -8.65
C TYR C 72 6.01 -5.86 -9.55
N ALA C 73 7.07 -6.38 -10.18
CA ALA C 73 6.95 -7.48 -11.12
C ALA C 73 8.20 -8.34 -11.04
N MET C 74 8.05 -9.61 -11.44
CA MET C 74 9.17 -10.54 -11.45
C MET C 74 8.87 -11.69 -12.40
N HIS C 75 9.94 -12.31 -12.92
CA HIS C 75 9.82 -13.31 -13.97
C HIS C 75 10.92 -14.35 -13.79
N TRP C 76 10.54 -15.62 -13.79
CA TRP C 76 11.48 -16.72 -13.67
C TRP C 76 12.33 -16.87 -14.94
N GLY C 77 13.37 -17.69 -14.82
CA GLY C 77 14.12 -18.13 -15.98
C GLY C 77 13.58 -19.42 -16.56
N THR C 78 14.08 -19.78 -17.74
CA THR C 78 13.64 -21.00 -18.39
C THR C 78 14.39 -22.24 -17.91
N ASP C 79 15.48 -22.07 -17.16
CA ASP C 79 16.13 -23.18 -16.49
C ASP C 79 15.63 -23.39 -15.07
N SER C 80 14.62 -22.61 -14.66
CA SER C 80 14.00 -22.64 -13.32
C SER C 80 15.03 -22.35 -12.22
N ARG C 81 16.04 -21.55 -12.53
CA ARG C 81 17.15 -21.31 -11.62
C ARG C 81 17.25 -19.85 -11.19
N LEU C 82 17.36 -18.93 -12.14
CA LEU C 82 17.60 -17.52 -11.86
C LEU C 82 16.31 -16.75 -12.10
N LEU C 83 15.91 -15.93 -11.13
CA LEU C 83 14.78 -15.02 -11.33
C LEU C 83 15.21 -13.56 -11.34
N VAL C 84 14.69 -12.79 -12.30
CA VAL C 84 14.71 -11.34 -12.21
C VAL C 84 13.61 -10.87 -11.26
N SER C 85 13.94 -9.93 -10.38
CA SER C 85 12.95 -9.16 -9.63
C SER C 85 13.11 -7.67 -9.90
N ALA C 86 11.98 -6.99 -10.05
CA ALA C 86 11.92 -5.56 -10.36
C ALA C 86 11.24 -4.81 -9.22
N SER C 87 11.85 -3.71 -8.79
CA SER C 87 11.43 -2.98 -7.61
C SER C 87 11.31 -1.50 -7.96
N GLN C 88 10.72 -0.74 -7.04
CA GLN C 88 10.49 0.68 -7.26
C GLN C 88 11.64 1.56 -6.76
N ASP C 89 12.71 0.97 -6.25
CA ASP C 89 13.88 1.73 -5.83
C ASP C 89 14.85 2.02 -6.97
N GLY C 90 14.59 1.48 -8.16
CA GLY C 90 15.51 1.59 -9.27
C GLY C 90 16.55 0.49 -9.34
N LYS C 91 16.30 -0.65 -8.71
CA LYS C 91 17.21 -1.79 -8.77
C LYS C 91 16.51 -3.00 -9.34
N LEU C 92 17.15 -3.61 -10.33
CA LEU C 92 16.68 -4.85 -10.95
C LEU C 92 17.64 -5.95 -10.52
N ILE C 93 17.18 -6.88 -9.68
CA ILE C 93 18.07 -7.87 -9.08
C ILE C 93 17.83 -9.23 -9.73
N ILE C 94 18.85 -9.76 -10.38
CA ILE C 94 18.88 -11.14 -10.83
C ILE C 94 19.35 -12.02 -9.66
N TRP C 95 18.44 -12.89 -9.19
CA TRP C 95 18.62 -13.80 -8.09
C TRP C 95 18.92 -15.21 -8.57
N ASP C 96 19.50 -15.99 -7.65
CA ASP C 96 19.58 -17.43 -7.73
C ASP C 96 18.66 -18.00 -6.65
N SER C 97 17.78 -18.92 -7.05
CA SER C 97 16.75 -19.41 -6.14
C SER C 97 17.23 -20.53 -5.23
N TYR C 98 18.30 -21.23 -5.59
CA TYR C 98 18.76 -22.35 -4.77
C TYR C 98 19.56 -21.87 -3.56
N THR C 99 20.51 -20.96 -3.78
CA THR C 99 21.48 -20.59 -2.75
C THR C 99 21.26 -19.18 -2.21
N THR C 100 20.16 -18.52 -2.60
CA THR C 100 19.80 -17.14 -2.20
C THR C 100 20.90 -16.13 -2.49
N ASN C 101 21.63 -16.33 -3.58
CA ASN C 101 22.71 -15.42 -3.97
C ASN C 101 22.22 -14.46 -5.04
N LYS C 102 22.57 -13.19 -4.88
CA LYS C 102 22.29 -12.15 -5.87
C LYS C 102 23.35 -12.23 -6.96
N VAL C 103 22.98 -12.83 -8.09
CA VAL C 103 23.97 -13.04 -9.14
C VAL C 103 24.18 -11.76 -9.95
N HIS C 104 23.20 -10.85 -9.95
CA HIS C 104 23.38 -9.52 -10.53
C HIS C 104 22.45 -8.53 -9.85
N ALA C 105 22.86 -7.27 -9.84
CA ALA C 105 22.01 -6.16 -9.40
C ALA C 105 22.30 -4.98 -10.30
N ILE C 106 21.25 -4.46 -10.94
CA ILE C 106 21.37 -3.53 -12.05
C ILE C 106 20.72 -2.22 -11.62
N PRO C 107 21.40 -1.08 -11.74
CA PRO C 107 20.76 0.19 -11.39
C PRO C 107 20.05 0.80 -12.58
N LEU C 108 18.78 1.13 -12.39
CA LEU C 108 17.92 1.53 -13.50
C LEU C 108 17.89 3.05 -13.60
N ARG C 109 17.64 3.54 -14.82
CA ARG C 109 17.63 4.98 -15.06
C ARG C 109 16.40 5.63 -14.42
N SER C 110 15.22 5.14 -14.74
CA SER C 110 14.00 5.59 -14.09
C SER C 110 13.73 4.72 -12.86
N SER C 111 13.21 5.37 -11.81
CA SER C 111 12.94 4.65 -10.57
C SER C 111 11.61 3.92 -10.61
N TRP C 112 10.67 4.36 -11.43
CA TRP C 112 9.33 3.81 -11.45
C TRP C 112 9.28 2.70 -12.49
N VAL C 113 9.20 1.45 -12.02
CA VAL C 113 9.29 0.26 -12.85
C VAL C 113 8.00 -0.53 -12.70
N MET C 114 7.42 -0.95 -13.82
CA MET C 114 6.17 -1.70 -13.77
C MET C 114 6.27 -3.12 -14.34
N THR C 115 7.32 -3.47 -15.07
CA THR C 115 7.45 -4.82 -15.59
C THR C 115 8.92 -5.14 -15.84
N CYS C 116 9.20 -6.43 -15.90
CA CYS C 116 10.53 -6.94 -16.21
C CYS C 116 10.40 -8.31 -16.87
N ALA C 117 11.31 -8.56 -17.81
CA ALA C 117 11.28 -9.76 -18.63
C ALA C 117 12.67 -10.38 -18.64
N TYR C 118 12.71 -11.70 -18.75
CA TYR C 118 13.96 -12.44 -18.82
C TYR C 118 13.96 -13.27 -20.08
N ALA C 119 15.05 -13.20 -20.84
CA ALA C 119 15.16 -13.87 -22.12
C ALA C 119 15.19 -15.39 -21.94
N PRO C 120 14.68 -16.15 -22.91
CA PRO C 120 14.72 -17.62 -22.77
C PRO C 120 16.13 -18.20 -22.84
N SER C 121 17.06 -17.52 -23.50
CA SER C 121 18.45 -17.92 -23.46
C SER C 121 19.20 -17.32 -22.28
N GLY C 122 18.60 -16.37 -21.57
CA GLY C 122 19.23 -15.75 -20.42
C GLY C 122 20.22 -14.66 -20.73
N ASN C 123 20.32 -14.23 -21.99
CA ASN C 123 21.33 -13.24 -22.37
C ASN C 123 20.87 -11.81 -22.07
N TYR C 124 19.57 -11.56 -22.04
CA TYR C 124 19.07 -10.21 -21.87
C TYR C 124 18.07 -10.17 -20.71
N VAL C 125 17.92 -8.97 -20.14
CA VAL C 125 16.79 -8.65 -19.26
C VAL C 125 16.17 -7.35 -19.76
N ALA C 126 14.84 -7.29 -19.80
CA ALA C 126 14.14 -6.06 -20.15
C ALA C 126 13.41 -5.51 -18.94
N CYS C 127 13.29 -4.18 -18.90
CA CYS C 127 12.51 -3.51 -17.86
C CYS C 127 11.67 -2.40 -18.48
N GLY C 128 10.53 -2.13 -17.85
CA GLY C 128 9.66 -1.07 -18.29
C GLY C 128 9.32 -0.09 -17.17
N GLY C 129 8.32 0.76 -17.38
CA GLY C 129 7.90 1.64 -16.31
C GLY C 129 7.07 2.80 -16.84
N LEU C 130 7.08 3.89 -16.06
CA LEU C 130 6.26 5.06 -16.34
C LEU C 130 6.87 6.00 -17.37
N ASP C 131 8.16 5.86 -17.67
CA ASP C 131 8.81 6.72 -18.66
C ASP C 131 8.67 6.19 -20.09
N ASN C 132 7.68 5.32 -20.34
CA ASN C 132 7.26 4.66 -21.58
C ASN C 132 8.41 4.25 -22.51
N ILE C 133 9.47 3.71 -21.91
CA ILE C 133 10.65 3.23 -22.61
C ILE C 133 10.96 1.82 -22.13
N CYS C 134 11.07 0.88 -23.05
CA CYS C 134 11.52 -0.48 -22.73
C CYS C 134 13.04 -0.50 -22.81
N SER C 135 13.70 -0.85 -21.71
CA SER C 135 15.16 -0.87 -21.65
C SER C 135 15.63 -2.32 -21.62
N ILE C 136 16.39 -2.71 -22.63
CA ILE C 136 17.02 -4.02 -22.69
C ILE C 136 18.47 -3.89 -22.22
N TYR C 137 18.85 -4.75 -21.28
CA TYR C 137 20.18 -4.89 -20.73
C TYR C 137 20.78 -6.21 -21.20
N ASN C 138 22.02 -6.17 -21.67
CA ASN C 138 22.77 -7.37 -22.01
C ASN C 138 23.45 -7.94 -20.77
N LEU C 139 23.59 -9.27 -20.73
CA LEU C 139 24.23 -9.95 -19.61
C LEU C 139 25.48 -10.70 -20.03
N LYS C 140 26.04 -10.38 -21.21
CA LYS C 140 27.31 -10.98 -21.61
C LYS C 140 28.45 -10.52 -20.72
N THR C 141 28.55 -9.21 -20.51
CA THR C 141 29.55 -8.55 -19.66
C THR C 141 30.98 -8.93 -20.06
N ARG C 142 31.32 -8.61 -21.31
CA ARG C 142 32.68 -8.85 -21.80
C ARG C 142 33.69 -7.93 -21.12
N GLU C 143 33.24 -6.77 -20.65
CA GLU C 143 34.06 -5.93 -19.79
C GLU C 143 33.88 -6.30 -18.32
N GLY C 144 32.71 -6.81 -17.95
CA GLY C 144 32.39 -7.16 -16.58
C GLY C 144 31.28 -6.32 -15.97
N ASN C 145 30.84 -5.27 -16.66
CA ASN C 145 29.81 -4.37 -16.15
C ASN C 145 28.56 -4.50 -17.01
N VAL C 146 27.40 -4.53 -16.37
CA VAL C 146 26.14 -4.51 -17.10
C VAL C 146 25.89 -3.10 -17.62
N ARG C 147 25.39 -3.02 -18.85
CA ARG C 147 25.15 -1.75 -19.52
C ARG C 147 23.82 -1.83 -20.27
N VAL C 148 23.25 -0.65 -20.52
CA VAL C 148 21.99 -0.58 -21.25
C VAL C 148 22.25 -1.00 -22.69
N SER C 149 21.59 -2.07 -23.13
CA SER C 149 21.87 -2.54 -24.49
C SER C 149 21.04 -1.78 -25.51
N ARG C 150 19.82 -1.37 -25.15
CA ARG C 150 18.99 -0.55 -26.05
C ARG C 150 17.81 0.00 -25.26
N GLU C 151 17.26 1.11 -25.75
CA GLU C 151 16.09 1.76 -25.17
C GLU C 151 15.06 1.99 -26.28
N LEU C 152 13.79 1.71 -25.97
CA LEU C 152 12.70 1.83 -26.94
C LEU C 152 11.70 2.86 -26.43
N ALA C 153 11.46 3.90 -27.23
CA ALA C 153 10.67 5.06 -26.81
C ALA C 153 9.48 5.31 -27.73
N GLY C 154 8.93 4.27 -28.35
CA GLY C 154 7.87 4.45 -29.31
C GLY C 154 6.51 4.72 -28.73
N HIS C 155 6.20 4.11 -27.58
CA HIS C 155 4.87 4.22 -27.00
C HIS C 155 4.64 5.60 -26.39
N THR C 156 3.37 6.00 -26.34
CA THR C 156 2.99 7.27 -25.73
C THR C 156 2.60 7.08 -24.27
N GLY C 157 1.65 6.18 -24.00
CA GLY C 157 1.33 5.82 -22.63
C GLY C 157 2.36 4.89 -22.03
N TYR C 158 2.27 4.74 -20.70
CA TYR C 158 3.26 4.01 -19.91
C TYR C 158 3.35 2.54 -20.34
N LEU C 159 4.49 1.93 -20.05
CA LEU C 159 4.73 0.54 -20.42
C LEU C 159 4.35 -0.37 -19.26
N SER C 160 3.59 -1.42 -19.55
CA SER C 160 2.81 -2.13 -18.54
C SER C 160 3.28 -3.56 -18.36
N CYS C 161 3.26 -4.39 -19.41
CA CYS C 161 3.92 -5.70 -19.38
C CYS C 161 4.62 -5.94 -20.70
N CYS C 162 5.87 -6.44 -20.64
CA CYS C 162 6.63 -6.73 -21.84
C CYS C 162 7.28 -8.11 -21.70
N ARG C 163 7.26 -8.88 -22.79
CA ARG C 163 7.67 -10.28 -22.76
C ARG C 163 8.47 -10.61 -24.03
N PHE C 164 9.52 -11.41 -23.87
CA PHE C 164 10.38 -11.79 -25.00
C PHE C 164 9.76 -12.97 -25.74
N LEU C 165 9.49 -12.80 -27.03
CA LEU C 165 9.28 -13.97 -27.89
C LEU C 165 10.58 -14.73 -28.07
N ASP C 166 11.66 -14.03 -28.41
CA ASP C 166 12.98 -14.59 -28.54
C ASP C 166 14.00 -13.49 -28.23
N ASP C 167 15.28 -13.76 -28.53
CA ASP C 167 16.32 -12.76 -28.29
C ASP C 167 16.31 -11.66 -29.34
N ASN C 168 15.51 -11.78 -30.40
CA ASN C 168 15.47 -10.80 -31.47
C ASN C 168 14.23 -9.92 -31.46
N GLN C 169 13.09 -10.46 -31.04
CA GLN C 169 11.81 -9.76 -31.07
C GLN C 169 11.19 -9.76 -29.69
N ILE C 170 10.78 -8.58 -29.22
CA ILE C 170 10.11 -8.44 -27.92
C ILE C 170 8.72 -7.85 -28.13
N VAL C 171 7.74 -8.34 -27.38
CA VAL C 171 6.36 -7.87 -27.46
C VAL C 171 6.10 -7.02 -26.23
N THR C 172 5.51 -5.84 -26.43
CA THR C 172 5.29 -4.91 -25.34
C THR C 172 3.83 -4.46 -25.32
N SER C 173 3.36 -4.11 -24.12
CA SER C 173 1.99 -3.65 -23.88
C SER C 173 2.03 -2.28 -23.25
N SER C 174 1.64 -1.26 -24.01
CA SER C 174 1.68 0.10 -23.51
C SER C 174 0.44 0.41 -22.66
N GLY C 175 0.32 1.66 -22.27
CA GLY C 175 -0.86 2.17 -21.59
C GLY C 175 -1.78 3.00 -22.46
N ASP C 176 -1.43 3.22 -23.73
CA ASP C 176 -2.28 3.95 -24.67
C ASP C 176 -3.06 3.00 -25.58
N THR C 177 -3.49 1.86 -25.03
CA THR C 177 -4.32 0.83 -25.66
C THR C 177 -3.64 0.18 -26.87
N THR C 178 -2.31 0.21 -26.94
CA THR C 178 -1.56 -0.27 -28.10
C THR C 178 -0.51 -1.28 -27.64
N CYS C 179 -0.46 -2.43 -28.32
CA CYS C 179 0.59 -3.43 -28.12
C CYS C 179 1.53 -3.38 -29.31
N ALA C 180 2.83 -3.39 -29.06
CA ALA C 180 3.77 -3.45 -30.18
C ALA C 180 4.57 -4.75 -30.21
N LEU C 181 5.13 -5.01 -31.40
CA LEU C 181 6.14 -6.03 -31.64
C LEU C 181 7.41 -5.32 -32.09
N TRP C 182 8.39 -5.22 -31.19
CA TRP C 182 9.65 -4.58 -31.48
C TRP C 182 10.62 -5.61 -32.03
N ASP C 183 11.40 -5.18 -33.02
CA ASP C 183 12.65 -5.83 -33.37
C ASP C 183 13.79 -5.08 -32.68
N ILE C 184 14.68 -5.83 -32.04
CA ILE C 184 15.75 -5.22 -31.26
C ILE C 184 16.87 -4.72 -32.17
N GLU C 185 17.11 -5.40 -33.30
CA GLU C 185 18.22 -5.02 -34.18
C GLU C 185 17.90 -3.73 -34.93
N THR C 186 16.70 -3.64 -35.50
CA THR C 186 16.30 -2.40 -36.17
C THR C 186 15.93 -1.32 -35.15
N GLY C 187 15.48 -1.71 -33.97
CA GLY C 187 15.06 -0.76 -32.97
C GLY C 187 13.74 -0.08 -33.24
N GLN C 188 12.93 -0.65 -34.12
CA GLN C 188 11.65 -0.07 -34.54
C GLN C 188 10.51 -1.01 -34.21
N GLN C 189 9.30 -0.57 -34.51
CA GLN C 189 8.10 -1.37 -34.30
C GLN C 189 7.76 -2.12 -35.58
N THR C 190 7.72 -3.45 -35.50
CA THR C 190 7.32 -4.26 -36.64
C THR C 190 5.80 -4.23 -36.83
N THR C 191 5.07 -4.73 -35.83
CA THR C 191 3.63 -4.87 -35.90
C THR C 191 2.98 -4.13 -34.74
N THR C 192 1.92 -3.38 -35.03
CA THR C 192 1.18 -2.63 -34.00
C THR C 192 -0.25 -3.14 -33.90
N PHE C 193 -0.68 -3.42 -32.67
CA PHE C 193 -2.02 -3.89 -32.35
C PHE C 193 -2.77 -2.77 -31.65
N THR C 194 -3.85 -2.29 -32.28
CA THR C 194 -4.58 -1.11 -31.79
C THR C 194 -6.07 -1.39 -31.61
N GLY C 195 -6.44 -2.65 -31.37
CA GLY C 195 -7.85 -2.99 -31.28
C GLY C 195 -8.51 -2.64 -29.96
N HIS C 196 -7.73 -2.57 -28.89
CA HIS C 196 -8.27 -2.30 -27.56
C HIS C 196 -8.79 -0.87 -27.43
N THR C 197 -9.78 -0.70 -26.54
CA THR C 197 -10.28 0.60 -26.13
C THR C 197 -9.86 0.98 -24.72
N GLY C 198 -9.76 0.01 -23.81
CA GLY C 198 -9.24 0.25 -22.49
C GLY C 198 -7.75 -0.04 -22.38
N ASP C 199 -7.17 0.39 -21.26
CA ASP C 199 -5.73 0.35 -21.07
C ASP C 199 -5.24 -1.08 -20.91
N VAL C 200 -4.32 -1.51 -21.77
CA VAL C 200 -3.92 -2.91 -21.82
C VAL C 200 -2.94 -3.17 -20.68
N MET C 201 -3.34 -4.04 -19.75
CA MET C 201 -2.58 -4.23 -18.52
C MET C 201 -1.45 -5.24 -18.68
N SER C 202 -1.77 -6.45 -19.13
CA SER C 202 -0.73 -7.45 -19.31
C SER C 202 -1.05 -8.34 -20.48
N LEU C 203 -0.01 -9.01 -20.98
CA LEU C 203 -0.10 -9.94 -22.09
C LEU C 203 0.49 -11.27 -21.67
N SER C 204 -0.01 -12.35 -22.27
CA SER C 204 0.45 -13.70 -21.96
C SER C 204 0.74 -14.42 -23.27
N LEU C 205 2.01 -14.76 -23.49
CA LEU C 205 2.41 -15.37 -24.75
C LEU C 205 2.03 -16.85 -24.76
N ALA C 206 1.79 -17.36 -25.95
CA ALA C 206 1.50 -18.78 -26.12
C ALA C 206 2.78 -19.60 -25.95
N PRO C 207 2.66 -20.88 -25.60
CA PRO C 207 3.84 -21.77 -25.63
C PRO C 207 4.38 -21.98 -27.03
N ASP C 208 3.53 -21.88 -28.07
CA ASP C 208 3.99 -21.95 -29.45
C ASP C 208 4.52 -20.60 -29.94
N THR C 209 4.23 -19.52 -29.20
CA THR C 209 4.65 -18.14 -29.50
C THR C 209 4.19 -17.66 -30.87
N ARG C 210 3.05 -18.18 -31.35
CA ARG C 210 2.39 -17.68 -32.55
C ARG C 210 1.30 -16.67 -32.22
N LEU C 211 0.54 -16.94 -31.16
CA LEU C 211 -0.51 -16.08 -30.66
C LEU C 211 -0.10 -15.47 -29.33
N PHE C 212 -0.82 -14.44 -28.91
CA PHE C 212 -0.88 -14.11 -27.50
C PHE C 212 -2.27 -13.57 -27.18
N VAL C 213 -2.52 -13.36 -25.89
CA VAL C 213 -3.76 -12.77 -25.40
C VAL C 213 -3.42 -11.53 -24.60
N SER C 214 -4.24 -10.50 -24.73
CA SER C 214 -4.08 -9.32 -23.89
C SER C 214 -5.38 -8.98 -23.16
N GLY C 215 -5.25 -8.70 -21.86
CA GLY C 215 -6.35 -8.17 -21.08
C GLY C 215 -6.20 -6.68 -20.88
N ALA C 216 -7.23 -5.93 -21.26
CA ALA C 216 -7.23 -4.50 -21.04
C ALA C 216 -8.10 -4.14 -19.83
N CYS C 217 -8.31 -2.83 -19.66
CA CYS C 217 -9.19 -2.31 -18.61
C CYS C 217 -10.64 -2.17 -19.06
N ASP C 218 -10.98 -2.55 -20.28
CA ASP C 218 -12.35 -2.45 -20.75
C ASP C 218 -13.13 -3.75 -20.61
N ALA C 219 -12.63 -4.67 -19.77
CA ALA C 219 -13.21 -6.00 -19.52
C ALA C 219 -13.38 -6.80 -20.82
N SER C 220 -12.32 -6.83 -21.63
CA SER C 220 -12.35 -7.57 -22.88
C SER C 220 -10.95 -8.05 -23.19
N ALA C 221 -10.76 -9.37 -23.20
CA ALA C 221 -9.50 -9.97 -23.59
C ALA C 221 -9.49 -10.22 -25.09
N LYS C 222 -8.36 -9.93 -25.73
CA LYS C 222 -8.24 -10.10 -27.17
C LYS C 222 -7.21 -11.18 -27.46
N LEU C 223 -7.36 -11.82 -28.61
CA LEU C 223 -6.47 -12.88 -29.06
C LEU C 223 -5.78 -12.41 -30.33
N TRP C 224 -4.47 -12.16 -30.24
CA TRP C 224 -3.70 -11.46 -31.26
C TRP C 224 -2.79 -12.46 -31.93
N ASP C 225 -2.75 -12.43 -33.26
CA ASP C 225 -1.74 -13.18 -34.00
C ASP C 225 -0.53 -12.26 -34.22
N VAL C 226 0.65 -12.79 -33.90
CA VAL C 226 1.88 -12.01 -34.01
C VAL C 226 2.24 -11.79 -35.48
N ARG C 227 2.06 -12.81 -36.31
CA ARG C 227 2.52 -12.74 -37.70
C ARG C 227 1.52 -12.01 -38.60
N GLU C 228 0.22 -12.21 -38.39
CA GLU C 228 -0.77 -11.56 -39.24
C GLU C 228 -0.95 -10.09 -38.89
N GLY C 229 -1.08 -9.78 -37.60
CA GLY C 229 -1.16 -8.42 -37.15
C GLY C 229 -2.53 -7.90 -36.79
N MET C 230 -3.51 -8.80 -36.56
CA MET C 230 -4.85 -8.39 -36.18
C MET C 230 -5.37 -9.36 -35.14
N CYS C 231 -6.36 -8.91 -34.37
CA CYS C 231 -7.00 -9.82 -33.42
C CYS C 231 -7.89 -10.80 -34.15
N ARG C 232 -7.97 -12.01 -33.61
CA ARG C 232 -8.92 -13.02 -34.08
C ARG C 232 -10.18 -13.11 -33.23
N GLN C 233 -10.06 -13.03 -31.91
CA GLN C 233 -11.19 -13.26 -31.02
C GLN C 233 -11.23 -12.22 -29.93
N THR C 234 -12.46 -11.93 -29.48
CA THR C 234 -12.75 -10.98 -28.41
C THR C 234 -13.57 -11.69 -27.33
N PHE C 235 -13.16 -11.55 -26.08
CA PHE C 235 -13.84 -12.12 -24.94
C PHE C 235 -14.32 -11.00 -24.02
N THR C 236 -15.60 -11.01 -23.69
CA THR C 236 -16.23 -9.97 -22.87
C THR C 236 -16.98 -10.58 -21.70
N GLY C 237 -16.31 -11.47 -20.96
CA GLY C 237 -16.95 -12.16 -19.87
C GLY C 237 -16.83 -11.53 -18.50
N HIS C 238 -15.89 -10.60 -18.32
CA HIS C 238 -15.68 -9.96 -17.04
C HIS C 238 -16.57 -8.74 -16.84
N GLU C 239 -16.39 -8.09 -15.69
CA GLU C 239 -17.19 -6.94 -15.29
C GLU C 239 -16.35 -5.73 -14.90
N SER C 240 -15.03 -5.88 -14.79
CA SER C 240 -14.17 -4.79 -14.32
C SER C 240 -12.82 -4.92 -15.01
N ASP C 241 -11.80 -4.24 -14.46
CA ASP C 241 -10.50 -4.14 -15.09
C ASP C 241 -9.77 -5.48 -15.02
N ILE C 242 -9.45 -6.06 -16.18
CA ILE C 242 -8.73 -7.32 -16.24
C ILE C 242 -7.25 -7.04 -15.99
N ASN C 243 -6.73 -7.54 -14.87
CA ASN C 243 -5.41 -7.16 -14.38
C ASN C 243 -4.30 -8.03 -14.99
N ALA C 244 -4.41 -9.34 -14.83
CA ALA C 244 -3.45 -10.25 -15.45
C ALA C 244 -4.14 -11.42 -16.14
N ILE C 245 -3.46 -11.95 -17.15
CA ILE C 245 -3.97 -13.00 -18.02
C ILE C 245 -2.87 -14.07 -18.15
N CYS C 246 -3.28 -15.33 -18.23
CA CYS C 246 -2.31 -16.41 -18.34
C CYS C 246 -2.87 -17.58 -19.15
N PHE C 247 -2.06 -18.11 -20.07
CA PHE C 247 -2.48 -19.24 -20.90
C PHE C 247 -2.48 -20.55 -20.11
N PHE C 248 -3.36 -21.45 -20.53
CA PHE C 248 -3.31 -22.83 -20.10
C PHE C 248 -2.08 -23.49 -20.77
N PRO C 249 -1.46 -24.49 -20.12
CA PRO C 249 -0.22 -25.07 -20.67
C PRO C 249 -0.35 -25.76 -22.03
N ASN C 250 -1.55 -26.06 -22.52
CA ASN C 250 -1.67 -26.59 -23.88
C ASN C 250 -1.84 -25.50 -24.93
N GLY C 251 -2.09 -24.25 -24.52
CA GLY C 251 -2.30 -23.17 -25.46
C GLY C 251 -3.69 -23.10 -26.07
N ASN C 252 -4.68 -23.77 -25.47
CA ASN C 252 -6.04 -23.78 -25.97
C ASN C 252 -7.02 -23.10 -25.04
N ALA C 253 -6.55 -22.49 -23.97
CA ALA C 253 -7.41 -21.85 -22.98
C ALA C 253 -6.59 -20.83 -22.22
N PHE C 254 -7.27 -19.85 -21.62
CA PHE C 254 -6.58 -18.93 -20.73
C PHE C 254 -7.43 -18.60 -19.52
N ALA C 255 -6.78 -18.12 -18.47
CA ALA C 255 -7.47 -17.63 -17.28
C ALA C 255 -7.20 -16.15 -17.09
N THR C 256 -8.16 -15.47 -16.46
CA THR C 256 -8.13 -14.02 -16.32
C THR C 256 -8.58 -13.64 -14.91
N GLY C 257 -7.91 -12.65 -14.34
CA GLY C 257 -8.25 -12.14 -13.03
C GLY C 257 -8.63 -10.67 -13.15
N SER C 258 -9.69 -10.27 -12.46
CA SER C 258 -10.18 -8.91 -12.53
C SER C 258 -10.32 -8.33 -11.12
N ASP C 259 -10.83 -7.10 -11.06
CA ASP C 259 -11.02 -6.41 -9.79
C ASP C 259 -12.33 -6.76 -9.09
N ASP C 260 -13.20 -7.54 -9.72
CA ASP C 260 -14.45 -7.96 -9.12
C ASP C 260 -14.34 -9.29 -8.37
N ALA C 261 -13.13 -9.67 -7.97
CA ALA C 261 -12.81 -10.86 -7.16
C ALA C 261 -13.20 -12.18 -7.83
N THR C 262 -13.32 -12.19 -9.15
CA THR C 262 -13.71 -13.40 -9.88
C THR C 262 -12.63 -13.72 -10.90
N CYS C 263 -12.06 -14.92 -10.79
CA CYS C 263 -11.26 -15.45 -11.89
C CYS C 263 -12.18 -16.10 -12.92
N ARG C 264 -11.75 -16.10 -14.17
CA ARG C 264 -12.56 -16.68 -15.23
C ARG C 264 -11.66 -17.50 -16.13
N LEU C 265 -12.21 -18.59 -16.66
CA LEU C 265 -11.51 -19.45 -17.60
C LEU C 265 -12.20 -19.40 -18.95
N PHE C 266 -11.43 -19.16 -20.00
CA PHE C 266 -11.93 -18.90 -21.34
C PHE C 266 -11.31 -19.91 -22.30
N ASP C 267 -12.07 -20.22 -23.35
CA ASP C 267 -11.66 -21.16 -24.38
C ASP C 267 -11.46 -20.42 -25.70
N LEU C 268 -10.40 -20.78 -26.41
CA LEU C 268 -10.14 -20.21 -27.73
C LEU C 268 -11.02 -20.84 -28.80
N ARG C 269 -11.53 -22.05 -28.57
CA ARG C 269 -12.33 -22.76 -29.55
C ARG C 269 -13.83 -22.49 -29.37
N ALA C 270 -14.32 -22.58 -28.13
CA ALA C 270 -15.73 -22.29 -27.86
C ALA C 270 -16.03 -20.81 -27.83
N ASP C 271 -15.00 -19.96 -27.72
CA ASP C 271 -15.09 -18.50 -27.79
C ASP C 271 -15.96 -17.92 -26.68
N GLN C 272 -15.96 -18.57 -25.52
CA GLN C 272 -16.74 -18.11 -24.37
C GLN C 272 -16.14 -18.70 -23.10
N GLU C 273 -16.62 -18.21 -21.96
CA GLU C 273 -16.10 -18.65 -20.67
C GLU C 273 -16.61 -20.04 -20.31
N LEU C 274 -15.69 -20.90 -19.88
CA LEU C 274 -16.08 -22.22 -19.38
C LEU C 274 -16.51 -22.17 -17.92
N MET C 275 -15.68 -21.57 -17.06
CA MET C 275 -15.90 -21.62 -15.62
C MET C 275 -15.56 -20.26 -15.02
N THR C 276 -16.16 -19.98 -13.86
CA THR C 276 -15.90 -18.77 -13.09
C THR C 276 -15.60 -19.14 -11.65
N TYR C 277 -14.51 -18.59 -11.13
CA TYR C 277 -13.94 -18.93 -9.83
C TYR C 277 -14.22 -17.76 -8.90
N SER C 278 -15.17 -17.93 -8.00
CA SER C 278 -15.66 -16.82 -7.20
C SER C 278 -16.06 -17.35 -5.82
N HIS C 279 -15.73 -16.59 -4.79
CA HIS C 279 -16.07 -16.96 -3.42
C HIS C 279 -16.61 -15.72 -2.71
N ASP C 280 -17.60 -15.93 -1.86
CA ASP C 280 -18.32 -14.80 -1.26
C ASP C 280 -17.51 -14.08 -0.21
N ASN C 281 -16.59 -14.78 0.47
CA ASN C 281 -15.87 -14.20 1.59
C ASN C 281 -14.80 -13.20 1.16
N ILE C 282 -14.34 -13.25 -0.08
CA ILE C 282 -13.28 -12.39 -0.57
C ILE C 282 -13.82 -11.51 -1.68
N ILE C 283 -13.78 -10.20 -1.48
CA ILE C 283 -14.25 -9.22 -2.44
C ILE C 283 -13.10 -8.37 -3.00
N CYS C 284 -11.87 -8.74 -2.71
CA CYS C 284 -10.70 -7.98 -3.14
C CYS C 284 -10.25 -8.40 -4.53
N GLY C 285 -9.56 -7.47 -5.20
CA GLY C 285 -9.13 -7.68 -6.57
C GLY C 285 -8.08 -8.77 -6.72
N ILE C 286 -7.80 -9.11 -7.98
CA ILE C 286 -6.93 -10.22 -8.34
C ILE C 286 -5.77 -9.66 -9.15
N THR C 287 -4.56 -9.73 -8.58
CA THR C 287 -3.41 -9.08 -9.17
C THR C 287 -2.82 -9.90 -10.31
N SER C 288 -2.33 -11.10 -10.01
CA SER C 288 -1.69 -11.93 -11.02
C SER C 288 -2.04 -13.39 -10.83
N VAL C 289 -2.33 -14.07 -11.94
CA VAL C 289 -2.68 -15.50 -11.95
C VAL C 289 -1.67 -16.25 -12.82
N SER C 290 -1.12 -17.33 -12.28
CA SER C 290 -0.36 -18.29 -13.07
C SER C 290 -0.90 -19.69 -12.85
N PHE C 291 -1.13 -20.43 -13.93
CA PHE C 291 -1.36 -21.86 -13.84
C PHE C 291 -0.14 -22.62 -13.31
N SER C 292 -0.37 -23.88 -12.96
CA SER C 292 0.70 -24.80 -12.61
C SER C 292 1.23 -25.45 -13.88
N LYS C 293 2.06 -26.48 -13.71
CA LYS C 293 2.59 -27.20 -14.88
C LYS C 293 1.54 -28.11 -15.51
N SER C 294 0.83 -28.88 -14.68
CA SER C 294 -0.18 -29.79 -15.20
C SER C 294 -1.41 -29.04 -15.69
N GLY C 295 -1.75 -27.93 -15.04
CA GLY C 295 -2.95 -27.17 -15.38
C GLY C 295 -4.13 -27.42 -14.48
N ARG C 296 -3.97 -28.22 -13.42
CA ARG C 296 -5.09 -28.48 -12.51
C ARG C 296 -5.22 -27.43 -11.42
N LEU C 297 -4.12 -26.85 -10.97
CA LEU C 297 -4.17 -25.79 -9.97
C LEU C 297 -4.03 -24.44 -10.67
N LEU C 298 -4.98 -23.56 -10.42
CA LEU C 298 -4.87 -22.15 -10.79
C LEU C 298 -4.47 -21.37 -9.54
N LEU C 299 -3.36 -20.66 -9.62
CA LEU C 299 -2.83 -19.92 -8.49
C LEU C 299 -3.16 -18.46 -8.68
N ALA C 300 -3.75 -17.83 -7.66
CA ALA C 300 -4.28 -16.49 -7.81
C ALA C 300 -3.75 -15.61 -6.68
N GLY C 301 -3.07 -14.53 -7.05
CA GLY C 301 -2.61 -13.56 -6.09
C GLY C 301 -3.68 -12.54 -5.75
N TYR C 302 -4.35 -12.74 -4.62
CA TYR C 302 -5.41 -11.82 -4.24
C TYR C 302 -4.85 -10.56 -3.57
N ASP C 303 -5.75 -9.59 -3.38
CA ASP C 303 -5.39 -8.28 -2.87
C ASP C 303 -5.50 -8.18 -1.36
N ASP C 304 -6.07 -9.20 -0.71
CA ASP C 304 -6.18 -9.25 0.75
C ASP C 304 -5.06 -10.08 1.36
N PHE C 305 -3.86 -9.96 0.79
CA PHE C 305 -2.53 -10.30 1.33
C PHE C 305 -2.23 -11.79 1.25
N ASN C 306 -2.97 -12.57 0.47
CA ASN C 306 -2.71 -14.00 0.38
C ASN C 306 -2.95 -14.51 -1.04
N CYS C 307 -2.52 -15.73 -1.30
CA CYS C 307 -2.74 -16.41 -2.57
C CYS C 307 -3.73 -17.55 -2.39
N ASN C 308 -4.68 -17.68 -3.30
CA ASN C 308 -5.59 -18.82 -3.28
C ASN C 308 -5.24 -19.83 -4.37
N VAL C 309 -5.22 -21.10 -3.99
CA VAL C 309 -4.93 -22.20 -4.90
C VAL C 309 -6.30 -22.76 -5.32
N TRP C 310 -6.85 -22.19 -6.38
CA TRP C 310 -8.10 -22.71 -6.93
C TRP C 310 -7.84 -24.01 -7.69
N ASP C 311 -8.86 -24.86 -7.73
CA ASP C 311 -8.85 -26.03 -8.60
C ASP C 311 -9.46 -25.63 -9.94
N ALA C 312 -8.72 -25.85 -11.02
CA ALA C 312 -9.15 -25.39 -12.34
C ALA C 312 -10.34 -26.17 -12.89
N LEU C 313 -10.59 -27.38 -12.38
CA LEU C 313 -11.67 -28.21 -12.87
C LEU C 313 -12.83 -28.34 -11.89
N LYS C 314 -12.65 -27.97 -10.62
CA LYS C 314 -13.69 -28.13 -9.60
C LYS C 314 -14.12 -26.83 -8.95
N ALA C 315 -13.42 -25.71 -9.21
CA ALA C 315 -13.76 -24.37 -8.70
C ALA C 315 -13.83 -24.32 -7.17
N ASP C 316 -12.85 -24.93 -6.52
CA ASP C 316 -12.79 -24.98 -5.07
C ASP C 316 -11.36 -24.71 -4.63
N ARG C 317 -11.22 -23.93 -3.55
CA ARG C 317 -9.90 -23.57 -3.03
C ARG C 317 -9.24 -24.77 -2.37
N ALA C 318 -8.15 -25.25 -2.98
CA ALA C 318 -7.27 -26.22 -2.33
C ALA C 318 -6.71 -25.68 -1.01
N GLY C 319 -6.21 -24.45 -1.02
CA GLY C 319 -5.28 -24.03 0.01
C GLY C 319 -4.88 -22.58 -0.18
N VAL C 320 -4.26 -22.03 0.86
CA VAL C 320 -4.17 -20.58 1.04
C VAL C 320 -2.76 -20.21 1.49
N LEU C 321 -2.07 -19.40 0.68
CA LEU C 321 -0.70 -18.99 0.91
C LEU C 321 -0.76 -17.59 1.55
N ALA C 322 -0.93 -17.59 2.87
CA ALA C 322 -1.03 -16.35 3.66
C ALA C 322 0.30 -16.07 4.36
N GLY C 323 1.30 -15.73 3.55
CA GLY C 323 2.62 -15.48 4.09
C GLY C 323 3.13 -14.06 3.91
N HIS C 324 2.38 -13.22 3.19
CA HIS C 324 2.78 -11.86 2.91
C HIS C 324 2.10 -10.87 3.84
N ASP C 325 2.80 -9.78 4.12
CA ASP C 325 2.27 -8.73 5.00
C ASP C 325 1.54 -7.64 4.22
N ASN C 326 1.89 -7.43 2.96
CA ASN C 326 1.22 -6.47 2.09
C ASN C 326 0.75 -7.23 0.84
N ARG C 327 0.13 -6.51 -0.10
CA ARG C 327 -0.63 -7.17 -1.16
C ARG C 327 0.29 -7.88 -2.15
N VAL C 328 -0.12 -9.08 -2.57
CA VAL C 328 0.67 -9.93 -3.43
C VAL C 328 0.68 -9.34 -4.83
N SER C 329 1.80 -8.71 -5.21
CA SER C 329 1.82 -7.92 -6.42
C SER C 329 1.97 -8.77 -7.68
N CYS C 330 2.68 -9.90 -7.59
CA CYS C 330 2.89 -10.73 -8.76
C CYS C 330 3.33 -12.14 -8.35
N LEU C 331 3.07 -13.08 -9.25
CA LEU C 331 3.09 -14.51 -8.96
C LEU C 331 3.68 -15.22 -10.17
N GLY C 332 4.67 -16.08 -9.95
CA GLY C 332 5.28 -16.82 -11.03
C GLY C 332 5.45 -18.28 -10.66
N VAL C 333 5.51 -19.11 -11.71
CA VAL C 333 5.66 -20.56 -11.60
C VAL C 333 6.76 -20.98 -12.56
N THR C 334 7.67 -21.84 -12.08
CA THR C 334 8.77 -22.34 -12.89
C THR C 334 8.26 -23.22 -14.04
N ASP C 335 9.14 -23.45 -15.02
CA ASP C 335 8.77 -24.25 -16.18
C ASP C 335 8.70 -25.74 -15.90
N ASP C 336 9.36 -26.21 -14.84
CA ASP C 336 9.22 -27.60 -14.41
C ASP C 336 8.21 -27.78 -13.29
N GLY C 337 7.56 -26.70 -12.85
CA GLY C 337 6.55 -26.80 -11.82
C GLY C 337 7.08 -27.06 -10.44
N MET C 338 8.36 -26.76 -10.18
CA MET C 338 8.98 -27.20 -8.95
C MET C 338 8.67 -26.25 -7.78
N ALA C 339 8.60 -24.94 -8.04
CA ALA C 339 8.35 -23.99 -6.98
C ALA C 339 7.58 -22.80 -7.54
N VAL C 340 6.97 -22.03 -6.64
CA VAL C 340 6.12 -20.90 -6.99
C VAL C 340 6.58 -19.68 -6.22
N ALA C 341 6.96 -18.63 -6.93
CA ALA C 341 7.53 -17.45 -6.30
C ALA C 341 6.49 -16.33 -6.32
N THR C 342 6.30 -15.67 -5.18
CA THR C 342 5.43 -14.52 -5.12
C THR C 342 6.18 -13.31 -4.59
N GLY C 343 5.94 -12.17 -5.25
CA GLY C 343 6.45 -10.89 -4.82
C GLY C 343 5.30 -9.99 -4.40
N SER C 344 5.41 -9.42 -3.21
CA SER C 344 4.41 -8.52 -2.67
C SER C 344 5.02 -7.13 -2.48
N TRP C 345 4.24 -6.24 -1.88
CA TRP C 345 4.66 -4.86 -1.66
C TRP C 345 5.36 -4.64 -0.32
N ASP C 346 5.76 -5.71 0.37
CA ASP C 346 6.59 -5.58 1.56
C ASP C 346 8.07 -5.86 1.29
N SER C 347 8.45 -5.90 0.01
CA SER C 347 9.81 -6.09 -0.50
C SER C 347 10.38 -7.48 -0.23
N PHE C 348 9.54 -8.50 -0.05
CA PHE C 348 10.02 -9.86 0.14
C PHE C 348 9.49 -10.77 -0.96
N LEU C 349 10.36 -11.66 -1.44
CA LEU C 349 10.02 -12.66 -2.45
C LEU C 349 9.97 -14.03 -1.80
N LYS C 350 8.78 -14.57 -1.62
CA LYS C 350 8.64 -15.87 -0.99
C LYS C 350 8.69 -16.92 -2.10
N ILE C 351 9.52 -17.95 -1.91
CA ILE C 351 9.49 -19.14 -2.75
C ILE C 351 8.74 -20.24 -2.00
N TRP C 352 7.61 -20.66 -2.55
CA TRP C 352 6.70 -21.60 -1.93
C TRP C 352 6.83 -22.95 -2.63
N ASN C 353 6.82 -24.02 -1.86
CA ASN C 353 6.81 -25.35 -2.46
C ASN C 353 5.78 -26.23 -1.77
N THR D 5 -15.71 13.02 -38.71
CA THR D 5 -15.80 11.77 -39.45
C THR D 5 -14.85 10.72 -38.89
N ALA D 6 -14.36 10.96 -37.68
CA ALA D 6 -13.47 10.02 -37.01
C ALA D 6 -14.26 8.94 -36.26
N SER D 7 -15.38 9.34 -35.64
CA SER D 7 -16.22 8.38 -34.92
C SER D 7 -16.87 7.38 -35.87
N ILE D 8 -17.17 7.80 -37.10
CA ILE D 8 -17.69 6.84 -38.07
C ILE D 8 -16.59 6.05 -38.76
N ALA D 9 -15.34 6.51 -38.65
CA ALA D 9 -14.21 5.75 -39.15
C ALA D 9 -13.68 4.79 -38.11
N GLN D 10 -14.15 4.91 -36.87
CA GLN D 10 -13.93 3.87 -35.87
C GLN D 10 -15.14 2.94 -35.76
N ALA D 11 -16.33 3.46 -36.02
CA ALA D 11 -17.53 2.63 -36.21
C ALA D 11 -17.36 1.63 -37.35
N ARG D 12 -16.87 2.08 -38.52
CA ARG D 12 -16.72 1.15 -39.63
C ARG D 12 -15.63 0.13 -39.41
N LYS D 13 -14.63 0.44 -38.58
CA LYS D 13 -13.62 -0.55 -38.24
C LYS D 13 -14.14 -1.54 -37.22
N LEU D 14 -14.95 -1.08 -36.27
CA LEU D 14 -15.70 -1.96 -35.39
C LEU D 14 -16.59 -2.93 -36.17
N VAL D 15 -17.36 -2.41 -37.14
CA VAL D 15 -18.18 -3.22 -38.04
C VAL D 15 -17.37 -4.30 -38.75
N GLU D 16 -16.26 -3.89 -39.41
CA GLU D 16 -15.42 -4.85 -40.13
C GLU D 16 -14.79 -5.89 -39.19
N GLN D 17 -14.35 -5.44 -38.02
CA GLN D 17 -13.89 -6.32 -36.94
C GLN D 17 -14.93 -7.39 -36.60
N LEU D 18 -16.14 -6.96 -36.21
CA LEU D 18 -17.19 -7.89 -35.82
C LEU D 18 -17.66 -8.77 -36.97
N LYS D 19 -17.47 -8.34 -38.22
CA LYS D 19 -17.73 -9.23 -39.35
C LYS D 19 -16.68 -10.31 -39.45
N MET D 20 -15.41 -9.96 -39.26
CA MET D 20 -14.35 -10.96 -39.29
C MET D 20 -14.37 -11.86 -38.06
N GLU D 21 -14.98 -11.42 -36.96
CA GLU D 21 -15.05 -12.20 -35.73
C GLU D 21 -16.27 -13.11 -35.67
N ALA D 22 -17.40 -12.67 -36.23
CA ALA D 22 -18.55 -13.55 -36.43
C ALA D 22 -18.19 -14.78 -37.26
N ASN D 23 -17.49 -14.59 -38.37
CA ASN D 23 -17.21 -15.66 -39.33
C ASN D 23 -15.97 -16.44 -38.91
N ILE D 24 -16.11 -17.19 -37.82
CA ILE D 24 -15.08 -18.11 -37.36
C ILE D 24 -15.74 -19.45 -37.02
N ASP D 25 -14.93 -20.51 -37.04
CA ASP D 25 -15.38 -21.81 -36.59
C ASP D 25 -15.42 -21.86 -35.07
N ARG D 26 -16.37 -22.62 -34.54
CA ARG D 26 -16.54 -22.75 -33.10
C ARG D 26 -16.75 -24.22 -32.73
N ILE D 27 -15.81 -24.76 -31.96
CA ILE D 27 -15.92 -26.12 -31.43
C ILE D 27 -16.89 -26.10 -30.25
N LYS D 28 -17.62 -27.21 -30.08
CA LYS D 28 -18.58 -27.35 -28.99
C LYS D 28 -17.87 -27.33 -27.62
N VAL D 29 -18.66 -27.04 -26.58
CA VAL D 29 -18.11 -26.85 -25.25
C VAL D 29 -17.62 -28.16 -24.65
N SER D 30 -18.34 -29.25 -24.91
CA SER D 30 -18.09 -30.49 -24.18
C SER D 30 -16.86 -31.23 -24.71
N LYS D 31 -16.55 -31.06 -26.00
CA LYS D 31 -15.35 -31.68 -26.56
C LYS D 31 -14.10 -30.96 -26.06
N ALA D 32 -14.12 -29.64 -26.07
CA ALA D 32 -13.12 -28.79 -25.42
C ALA D 32 -12.88 -29.20 -23.97
N ALA D 33 -13.96 -29.22 -23.18
CA ALA D 33 -13.96 -29.76 -21.81
C ALA D 33 -13.25 -31.11 -21.68
N ALA D 34 -13.62 -32.07 -22.53
CA ALA D 34 -13.04 -33.40 -22.47
C ALA D 34 -11.56 -33.40 -22.84
N ASP D 35 -11.16 -32.51 -23.76
CA ASP D 35 -9.75 -32.34 -24.09
C ASP D 35 -8.97 -31.77 -22.91
N LEU D 36 -9.53 -30.77 -22.24
CA LEU D 36 -8.92 -30.22 -21.02
C LEU D 36 -8.74 -31.28 -19.94
N MET D 37 -9.81 -32.04 -19.64
CA MET D 37 -9.71 -33.20 -18.74
C MET D 37 -8.62 -34.18 -19.17
N ALA D 38 -8.54 -34.49 -20.47
CA ALA D 38 -7.52 -35.40 -20.98
C ALA D 38 -6.11 -34.85 -20.74
N TYR D 39 -5.91 -33.55 -20.94
CA TYR D 39 -4.59 -32.97 -20.79
C TYR D 39 -4.22 -32.81 -19.32
N CYS D 40 -5.22 -32.66 -18.44
CA CYS D 40 -4.95 -32.58 -17.01
C CYS D 40 -4.74 -33.96 -16.41
N GLU D 41 -5.36 -34.99 -16.97
CA GLU D 41 -5.13 -36.35 -16.53
C GLU D 41 -3.75 -36.86 -16.97
N ALA D 42 -3.44 -36.70 -18.26
CA ALA D 42 -2.18 -37.16 -18.85
C ALA D 42 -0.94 -36.66 -18.10
N HIS D 43 -0.91 -35.36 -17.77
CA HIS D 43 0.26 -34.75 -17.14
C HIS D 43 0.09 -34.54 -15.64
N ALA D 44 -0.77 -35.33 -14.99
CA ALA D 44 -1.04 -35.14 -13.57
C ALA D 44 0.10 -35.63 -12.70
N LYS D 45 0.79 -36.70 -13.11
CA LYS D 45 1.84 -37.29 -12.29
C LYS D 45 3.17 -36.56 -12.43
N GLU D 46 3.32 -35.69 -13.42
CA GLU D 46 4.55 -34.94 -13.62
C GLU D 46 4.54 -33.58 -12.94
N ASP D 47 3.53 -33.30 -12.11
CA ASP D 47 3.42 -32.00 -11.47
C ASP D 47 3.95 -32.09 -10.05
N PRO D 48 5.02 -31.36 -9.72
CA PRO D 48 5.54 -31.40 -8.34
C PRO D 48 4.68 -30.66 -7.32
N LEU D 49 3.73 -29.85 -7.77
CA LEU D 49 2.84 -29.13 -6.87
C LEU D 49 1.62 -29.96 -6.50
N LEU D 50 1.08 -30.71 -7.45
CA LEU D 50 -0.05 -31.58 -7.19
C LEU D 50 0.37 -32.84 -6.43
N THR D 51 1.47 -33.46 -6.86
CA THR D 51 2.01 -34.66 -6.23
C THR D 51 3.26 -34.29 -5.44
N PRO D 52 3.35 -34.67 -4.16
CA PRO D 52 4.52 -34.31 -3.37
C PRO D 52 5.78 -35.03 -3.82
N VAL D 53 6.91 -34.38 -3.58
CA VAL D 53 8.23 -34.85 -4.02
C VAL D 53 9.01 -35.26 -2.77
N PRO D 54 9.77 -36.37 -2.81
CA PRO D 54 10.67 -36.67 -1.69
C PRO D 54 11.75 -35.61 -1.52
N ALA D 55 12.27 -35.51 -0.30
CA ALA D 55 13.14 -34.40 0.08
C ALA D 55 14.51 -34.50 -0.60
N SER D 56 14.96 -35.71 -0.92
CA SER D 56 16.21 -35.84 -1.66
C SER D 56 16.03 -35.53 -3.13
N GLU D 57 14.87 -35.85 -3.70
CA GLU D 57 14.61 -35.53 -5.10
C GLU D 57 14.31 -34.05 -5.28
N ASN D 58 13.84 -33.39 -4.24
CA ASN D 58 13.50 -31.98 -4.28
C ASN D 58 14.78 -31.14 -4.28
N PRO D 59 15.01 -30.29 -5.28
CA PRO D 59 16.20 -29.42 -5.26
C PRO D 59 16.15 -28.34 -4.21
N PHE D 60 14.96 -27.96 -3.72
CA PHE D 60 14.85 -26.97 -2.66
C PHE D 60 14.95 -27.58 -1.27
N ARG D 61 14.94 -28.90 -1.14
CA ARG D 61 15.17 -29.56 0.14
C ARG D 61 16.39 -30.46 0.09
N GLN E 2 -21.00 -9.22 -20.80
CA GLN E 2 -20.57 -7.96 -21.38
C GLN E 2 -21.23 -6.77 -20.68
N VAL E 3 -20.41 -5.89 -20.13
CA VAL E 3 -20.91 -4.68 -19.48
C VAL E 3 -21.49 -3.75 -20.54
N GLN E 4 -22.78 -3.45 -20.42
CA GLN E 4 -23.43 -2.59 -21.39
C GLN E 4 -24.51 -1.75 -20.72
N LEU E 5 -24.66 -0.54 -21.23
CA LEU E 5 -25.52 0.48 -20.64
C LEU E 5 -26.38 1.05 -21.76
N GLN E 6 -27.64 1.31 -21.47
CA GLN E 6 -28.57 1.78 -22.49
C GLN E 6 -29.41 2.91 -21.93
N GLU E 7 -29.15 4.13 -22.38
CA GLU E 7 -29.94 5.29 -22.00
C GLU E 7 -31.21 5.35 -22.83
N SER E 8 -32.18 6.11 -22.34
CA SER E 8 -33.53 6.08 -22.88
C SER E 8 -34.26 7.33 -22.40
N GLY E 9 -35.02 7.93 -23.29
CA GLY E 9 -35.62 9.23 -23.03
C GLY E 9 -34.68 10.37 -23.35
N GLY E 10 -35.26 11.55 -23.51
CA GLY E 10 -34.50 12.73 -23.88
C GLY E 10 -35.20 13.57 -24.91
N GLY E 11 -34.46 14.03 -25.92
CA GLY E 11 -35.09 14.70 -27.04
C GLY E 11 -35.25 16.19 -26.86
N LEU E 12 -35.92 16.78 -27.86
CA LEU E 12 -36.23 18.20 -27.87
C LEU E 12 -37.35 18.50 -26.87
N VAL E 13 -37.07 19.33 -25.87
CA VAL E 13 -38.02 19.67 -24.82
C VAL E 13 -38.08 21.20 -24.70
N GLN E 14 -38.86 21.68 -23.74
CA GLN E 14 -39.08 23.08 -23.47
C GLN E 14 -38.54 23.46 -22.09
N PRO E 15 -38.15 24.71 -21.87
CA PRO E 15 -37.69 25.11 -20.53
C PRO E 15 -38.84 25.14 -19.53
N GLY E 16 -38.52 24.72 -18.30
CA GLY E 16 -39.51 24.61 -17.25
C GLY E 16 -40.25 23.28 -17.21
N GLY E 17 -40.05 22.42 -18.20
CA GLY E 17 -40.74 21.14 -18.26
C GLY E 17 -40.07 20.08 -17.41
N SER E 18 -40.58 18.86 -17.55
CA SER E 18 -40.06 17.70 -16.84
C SER E 18 -39.66 16.63 -17.84
N LEU E 19 -38.67 15.82 -17.44
CA LEU E 19 -38.20 14.72 -18.27
C LEU E 19 -37.59 13.63 -17.42
N ARG E 20 -37.94 12.38 -17.69
CA ARG E 20 -37.36 11.24 -17.01
C ARG E 20 -36.40 10.50 -17.94
N LEU E 21 -35.17 10.32 -17.49
CA LEU E 21 -34.16 9.56 -18.22
C LEU E 21 -34.04 8.19 -17.60
N SER E 22 -34.29 7.15 -18.39
CA SER E 22 -34.18 5.77 -17.95
C SER E 22 -32.85 5.20 -18.41
N CYS E 23 -32.17 4.50 -17.51
CA CYS E 23 -30.89 3.86 -17.83
C CYS E 23 -30.99 2.39 -17.47
N ALA E 24 -30.70 1.52 -18.44
CA ALA E 24 -30.75 0.08 -18.26
C ALA E 24 -29.34 -0.49 -18.27
N ALA E 25 -28.94 -1.09 -17.16
CA ALA E 25 -27.62 -1.67 -16.99
C ALA E 25 -27.71 -3.19 -17.15
N SER E 26 -27.09 -3.71 -18.21
CA SER E 26 -27.08 -5.15 -18.46
C SER E 26 -25.66 -5.69 -18.44
N GLY E 27 -25.50 -6.91 -17.94
CA GLY E 27 -24.25 -7.63 -18.02
C GLY E 27 -23.39 -7.68 -16.78
N PHE E 28 -23.92 -7.27 -15.62
CA PHE E 28 -23.18 -7.31 -14.37
C PHE E 28 -24.18 -7.27 -13.22
N THR E 29 -23.68 -7.39 -11.99
CA THR E 29 -24.49 -7.29 -10.79
C THR E 29 -24.60 -5.81 -10.42
N PHE E 30 -25.84 -5.33 -10.32
CA PHE E 30 -26.09 -3.89 -10.23
C PHE E 30 -25.79 -3.34 -8.85
N SER E 31 -26.08 -4.11 -7.79
CA SER E 31 -25.98 -3.58 -6.43
C SER E 31 -24.55 -3.43 -5.93
N ASN E 32 -23.58 -4.03 -6.61
CA ASN E 32 -22.21 -3.98 -6.13
C ASN E 32 -21.49 -2.68 -6.47
N TYR E 33 -21.97 -1.93 -7.46
CA TYR E 33 -21.20 -0.83 -8.05
C TYR E 33 -21.85 0.52 -7.75
N LYS E 34 -21.01 1.47 -7.32
CA LYS E 34 -21.40 2.87 -7.32
C LYS E 34 -21.60 3.35 -8.75
N MET E 35 -22.62 4.17 -8.97
CA MET E 35 -22.97 4.55 -10.34
C MET E 35 -23.32 6.03 -10.37
N ASN E 36 -23.24 6.66 -11.55
CA ASN E 36 -23.27 8.11 -11.61
C ASN E 36 -23.64 8.59 -13.01
N TRP E 37 -24.02 9.86 -13.09
CA TRP E 37 -24.45 10.52 -14.31
C TRP E 37 -23.50 11.66 -14.67
N VAL E 38 -23.21 11.78 -15.96
CA VAL E 38 -22.13 12.58 -16.52
C VAL E 38 -22.65 13.17 -17.82
N ARG E 39 -22.41 14.46 -18.08
CA ARG E 39 -22.97 15.08 -19.27
C ARG E 39 -21.90 15.85 -20.04
N GLN E 40 -22.23 16.15 -21.30
CA GLN E 40 -21.29 16.69 -22.27
C GLN E 40 -22.00 17.77 -23.08
N ALA E 41 -21.59 19.01 -22.88
CA ALA E 41 -22.13 20.15 -23.61
C ALA E 41 -21.56 20.17 -25.03
N PRO E 42 -22.25 20.81 -25.97
CA PRO E 42 -21.68 20.97 -27.33
C PRO E 42 -20.46 21.88 -27.30
N GLY E 43 -19.34 21.36 -27.81
CA GLY E 43 -18.09 22.11 -27.83
C GLY E 43 -17.47 22.35 -26.47
N LYS E 44 -17.73 21.46 -25.51
CA LYS E 44 -17.14 21.56 -24.18
C LYS E 44 -16.72 20.16 -23.73
N GLY E 45 -16.22 20.07 -22.49
CA GLY E 45 -15.78 18.82 -21.94
C GLY E 45 -16.85 18.13 -21.12
N LEU E 46 -16.50 16.94 -20.63
CA LEU E 46 -17.38 16.19 -19.76
C LEU E 46 -17.42 16.80 -18.36
N GLU E 47 -18.60 16.80 -17.74
CA GLU E 47 -18.74 17.28 -16.38
C GLU E 47 -19.62 16.34 -15.58
N TRP E 48 -19.20 16.08 -14.34
CA TRP E 48 -19.88 15.19 -13.42
C TRP E 48 -21.19 15.83 -12.95
N VAL E 49 -22.32 15.33 -13.45
CA VAL E 49 -23.62 15.76 -12.93
C VAL E 49 -23.78 15.32 -11.48
N SER E 50 -23.85 14.01 -11.24
CA SER E 50 -24.25 13.54 -9.91
C SER E 50 -23.97 12.05 -9.79
N ASP E 51 -24.18 11.52 -8.58
CA ASP E 51 -23.67 10.21 -8.21
C ASP E 51 -24.66 9.54 -7.25
N ILE E 52 -24.45 8.24 -7.04
CA ILE E 52 -25.24 7.45 -6.09
C ILE E 52 -24.47 6.17 -5.78
N SER E 53 -24.51 5.77 -4.50
CA SER E 53 -23.71 4.68 -3.98
C SER E 53 -24.42 3.34 -4.21
N GLN E 54 -23.93 2.29 -3.55
CA GLN E 54 -24.47 0.95 -3.72
C GLN E 54 -25.86 0.83 -3.09
N SER E 55 -25.96 1.15 -1.80
CA SER E 55 -27.24 1.09 -1.12
C SER E 55 -28.18 2.22 -1.53
N GLY E 56 -27.63 3.35 -2.00
CA GLY E 56 -28.43 4.47 -2.39
C GLY E 56 -28.69 5.50 -1.31
N ALA E 57 -28.00 5.40 -0.17
CA ALA E 57 -28.21 6.35 0.91
C ALA E 57 -27.54 7.68 0.63
N SER E 58 -26.27 7.66 0.25
CA SER E 58 -25.50 8.88 0.03
C SER E 58 -25.71 9.36 -1.40
N ILE E 59 -26.18 10.61 -1.54
CA ILE E 59 -26.44 11.22 -2.83
C ILE E 59 -25.89 12.65 -2.80
N SER E 60 -25.07 13.01 -3.79
CA SER E 60 -24.60 14.37 -3.95
C SER E 60 -24.85 14.84 -5.37
N TYR E 61 -24.80 16.15 -5.56
CA TYR E 61 -25.06 16.76 -6.86
C TYR E 61 -23.98 17.78 -7.20
N THR E 62 -24.01 18.24 -8.44
CA THR E 62 -23.26 19.42 -8.85
C THR E 62 -24.01 20.65 -8.34
N GLY E 63 -23.24 21.68 -7.95
CA GLY E 63 -23.83 22.85 -7.30
C GLY E 63 -24.80 23.62 -8.17
N SER E 64 -24.41 23.88 -9.42
CA SER E 64 -25.15 24.81 -10.28
C SER E 64 -26.48 24.25 -10.77
N VAL E 65 -26.79 22.99 -10.49
CA VAL E 65 -28.07 22.38 -10.85
C VAL E 65 -28.64 21.62 -9.67
N LYS E 66 -28.15 21.91 -8.46
CA LYS E 66 -28.53 21.17 -7.27
C LYS E 66 -29.96 21.51 -6.86
N GLY E 67 -30.69 20.51 -6.36
CA GLY E 67 -32.09 20.67 -6.02
C GLY E 67 -33.02 20.56 -7.21
N ARG E 68 -32.52 20.18 -8.37
CA ARG E 68 -33.30 20.13 -9.59
C ARG E 68 -33.39 18.73 -10.21
N PHE E 69 -32.62 17.76 -9.73
CA PHE E 69 -32.60 16.44 -10.35
C PHE E 69 -32.70 15.36 -9.28
N THR E 70 -33.58 14.39 -9.50
CA THR E 70 -33.75 13.26 -8.60
C THR E 70 -33.10 12.04 -9.23
N ILE E 71 -32.29 11.32 -8.47
CA ILE E 71 -31.64 10.10 -8.98
C ILE E 71 -32.13 8.89 -8.18
N SER E 72 -33.00 8.10 -8.81
CA SER E 72 -33.50 6.85 -8.23
C SER E 72 -32.79 5.67 -8.86
N ARG E 73 -32.18 4.80 -8.04
CA ARG E 73 -31.75 3.50 -8.52
C ARG E 73 -32.64 2.43 -7.91
N ASP E 74 -33.27 1.61 -8.77
CA ASP E 74 -33.86 0.35 -8.33
C ASP E 74 -32.88 -0.78 -8.60
N ASN E 75 -32.53 -1.52 -7.54
CA ASN E 75 -31.69 -2.70 -7.68
C ASN E 75 -32.47 -3.88 -8.27
N ALA E 76 -33.73 -4.06 -7.83
CA ALA E 76 -34.53 -5.18 -8.28
C ALA E 76 -34.94 -5.03 -9.74
N LYS E 77 -35.42 -3.83 -10.11
CA LYS E 77 -35.70 -3.54 -11.51
C LYS E 77 -34.42 -3.39 -12.32
N ASN E 78 -33.28 -3.14 -11.65
CA ASN E 78 -31.96 -2.96 -12.27
C ASN E 78 -32.00 -1.78 -13.24
N THR E 79 -32.43 -0.62 -12.72
CA THR E 79 -32.64 0.54 -13.56
C THR E 79 -32.24 1.79 -12.79
N LEU E 80 -31.75 2.80 -13.53
CA LEU E 80 -31.34 4.08 -12.96
C LEU E 80 -32.16 5.18 -13.62
N TYR E 81 -33.05 5.81 -12.85
CA TYR E 81 -33.91 6.88 -13.32
C TYR E 81 -33.35 8.23 -12.87
N LEU E 82 -33.47 9.23 -13.75
CA LEU E 82 -33.15 10.61 -13.41
C LEU E 82 -34.33 11.50 -13.76
N GLN E 83 -34.88 12.15 -12.75
CA GLN E 83 -36.01 13.07 -12.89
C GLN E 83 -35.49 14.49 -13.03
N MET E 84 -35.88 15.16 -14.11
CA MET E 84 -35.35 16.46 -14.52
C MET E 84 -36.50 17.47 -14.62
N ASN E 85 -36.75 18.23 -13.56
CA ASN E 85 -37.70 19.33 -13.62
C ASN E 85 -36.97 20.67 -13.63
N SER E 86 -37.71 21.72 -14.01
CA SER E 86 -37.23 23.10 -14.11
C SER E 86 -36.04 23.22 -15.06
N LEU E 87 -36.28 22.83 -16.31
CA LEU E 87 -35.23 22.78 -17.32
C LEU E 87 -34.87 24.19 -17.77
N LYS E 88 -33.62 24.35 -18.22
CA LYS E 88 -33.05 25.63 -18.59
C LYS E 88 -32.47 25.54 -20.00
N PRO E 89 -32.65 26.57 -20.83
CA PRO E 89 -32.12 26.51 -22.21
C PRO E 89 -30.61 26.50 -22.32
N GLU E 90 -29.89 26.98 -21.31
CA GLU E 90 -28.43 26.88 -21.34
C GLU E 90 -27.94 25.48 -21.03
N ASP E 91 -28.76 24.64 -20.40
CA ASP E 91 -28.38 23.28 -20.03
C ASP E 91 -28.97 22.31 -21.05
N THR E 92 -28.34 22.27 -22.22
CA THR E 92 -28.68 21.34 -23.29
C THR E 92 -27.44 20.54 -23.67
N ALA E 93 -27.52 19.22 -23.58
CA ALA E 93 -26.30 18.43 -23.60
C ALA E 93 -26.60 16.97 -23.94
N VAL E 94 -25.56 16.15 -23.93
CA VAL E 94 -25.68 14.70 -24.05
C VAL E 94 -25.44 14.11 -22.67
N TYR E 95 -26.29 13.15 -22.27
CA TYR E 95 -26.22 12.55 -20.95
C TYR E 95 -25.76 11.10 -21.05
N TYR E 96 -24.65 10.79 -20.40
CA TYR E 96 -24.06 9.46 -20.36
C TYR E 96 -24.18 8.90 -18.95
N CYS E 97 -24.77 7.69 -18.86
CA CYS E 97 -24.64 6.91 -17.64
C CYS E 97 -23.20 6.44 -17.52
N ALA E 98 -22.66 6.51 -16.31
CA ALA E 98 -21.29 6.11 -16.04
C ALA E 98 -21.29 5.15 -14.86
N ARG E 99 -20.35 4.21 -14.87
CA ARG E 99 -20.20 3.25 -13.80
C ARG E 99 -18.76 3.29 -13.31
N CYS E 100 -18.60 3.39 -11.98
CA CYS E 100 -17.29 3.34 -11.38
C CYS E 100 -16.73 1.93 -11.53
N PRO E 101 -15.44 1.78 -11.87
CA PRO E 101 -14.94 0.49 -12.37
C PRO E 101 -14.79 -0.59 -11.31
N ALA E 102 -14.70 -0.23 -10.04
CA ALA E 102 -14.45 -1.27 -9.04
C ALA E 102 -15.69 -1.48 -8.17
N PRO E 103 -15.93 -2.70 -7.69
CA PRO E 103 -17.03 -2.93 -6.75
C PRO E 103 -16.62 -2.60 -5.32
N PHE E 104 -17.64 -2.27 -4.52
CA PHE E 104 -17.54 -2.06 -3.07
C PHE E 104 -16.53 -0.94 -2.73
N THR E 105 -16.55 0.14 -3.49
CA THR E 105 -15.59 1.21 -3.32
C THR E 105 -16.27 2.56 -3.44
N ARG E 106 -15.51 3.62 -3.12
CA ARG E 106 -16.04 4.98 -3.13
C ARG E 106 -15.20 5.93 -3.98
N ASP E 107 -14.27 5.42 -4.79
CA ASP E 107 -13.44 6.23 -5.66
C ASP E 107 -13.78 5.95 -7.12
N CYS E 108 -13.88 7.02 -7.92
CA CYS E 108 -14.34 6.90 -9.29
C CYS E 108 -13.47 7.75 -10.20
N PHE E 109 -13.07 7.17 -11.34
CA PHE E 109 -12.28 7.86 -12.36
C PHE E 109 -12.99 7.66 -13.70
N ASP E 110 -13.98 8.51 -13.99
CA ASP E 110 -14.80 8.29 -15.18
C ASP E 110 -15.14 9.58 -15.93
N VAL E 111 -14.34 10.64 -15.77
CA VAL E 111 -14.57 11.89 -16.51
C VAL E 111 -13.77 11.88 -17.82
N THR E 112 -13.10 10.77 -18.13
CA THR E 112 -12.24 10.69 -19.31
C THR E 112 -13.06 10.71 -20.60
N SER E 113 -12.68 11.60 -21.51
CA SER E 113 -13.33 11.68 -22.83
C SER E 113 -12.71 10.72 -23.85
N THR E 114 -11.44 10.34 -23.67
CA THR E 114 -10.74 9.51 -24.66
C THR E 114 -11.13 8.05 -24.43
N THR E 115 -12.36 7.73 -24.85
CA THR E 115 -12.92 6.37 -24.94
C THR E 115 -12.89 5.66 -23.58
N TYR E 116 -13.65 6.22 -22.65
CA TYR E 116 -13.95 5.49 -21.42
C TYR E 116 -15.01 4.45 -21.73
N ALA E 117 -14.76 3.20 -21.35
CA ALA E 117 -15.51 2.08 -21.87
C ALA E 117 -16.45 1.45 -20.85
N TYR E 118 -16.77 2.16 -19.78
CA TYR E 118 -17.82 1.72 -18.87
C TYR E 118 -18.98 2.71 -18.85
N ARG E 119 -19.18 3.40 -19.97
CA ARG E 119 -20.30 4.32 -20.14
C ARG E 119 -21.22 3.83 -21.25
N GLY E 120 -22.42 4.38 -21.29
CA GLY E 120 -23.34 4.13 -22.37
C GLY E 120 -23.10 5.06 -23.54
N GLN E 121 -23.94 4.90 -24.57
CA GLN E 121 -23.85 5.77 -25.73
C GLN E 121 -24.43 7.15 -25.49
N GLY E 122 -25.22 7.32 -24.43
CA GLY E 122 -25.75 8.61 -24.06
C GLY E 122 -26.98 9.00 -24.85
N THR E 123 -27.70 9.99 -24.32
CA THR E 123 -28.91 10.48 -24.95
C THR E 123 -28.82 11.99 -25.15
N GLN E 124 -29.22 12.43 -26.34
CA GLN E 124 -29.24 13.85 -26.69
C GLN E 124 -30.46 14.51 -26.07
N VAL E 125 -30.25 15.55 -25.28
CA VAL E 125 -31.32 16.26 -24.60
C VAL E 125 -31.18 17.73 -24.97
N THR E 126 -32.08 18.21 -25.83
CA THR E 126 -32.03 19.56 -26.36
C THR E 126 -33.15 20.35 -25.72
N VAL E 127 -32.86 21.59 -25.32
CA VAL E 127 -33.90 22.52 -24.86
C VAL E 127 -33.99 23.67 -25.85
N SER E 128 -35.18 23.88 -26.39
CA SER E 128 -35.47 25.01 -27.27
C SER E 128 -36.44 25.95 -26.57
N SER E 129 -36.03 27.21 -26.41
CA SER E 129 -36.88 28.20 -25.76
C SER E 129 -37.82 28.86 -26.75
C01 OR9 F . 17.61 -2.81 45.01
C02 OR9 F . 18.59 -2.81 46.17
C03 OR9 F . 18.46 -2.72 43.72
C04 OR9 F . 18.46 -3.73 47.23
C05 OR9 F . 16.17 -4.23 46.36
C06 OR9 F . 17.32 -4.72 47.24
C07 OR9 F . 19.65 -1.88 46.14
C08 OR9 F . 19.12 -1.37 43.77
C09 OR9 F . 19.72 -0.94 44.98
C10 OR9 F . 15.44 -3.48 44.24
C11 OR9 F . 19.38 -3.74 48.28
C12 OR9 F . 20.56 -1.92 47.22
C13 OR9 F . 19.11 -0.57 42.62
C14 OR9 F . 20.32 0.35 44.97
C15 OR9 F . 20.42 -2.83 48.27
C16 OR9 F . 20.31 1.13 43.81
C17 OR9 F . 19.71 0.69 42.65
N01 OR9 F . 16.62 -3.91 44.99
O01 OR9 F . 20.94 0.94 46.03
O02 OR9 F . 20.88 2.37 43.81
C1 CLR G . 29.64 12.15 52.78
C2 CLR G . 29.44 12.01 54.29
C3 CLR G . 28.35 12.97 54.76
C4 CLR G . 27.02 12.52 54.15
C5 CLR G . 27.17 12.53 52.64
C6 CLR G . 26.27 13.15 51.95
C7 CLR G . 26.27 13.25 50.45
C8 CLR G . 27.19 12.21 49.80
C9 CLR G . 28.53 12.14 50.54
C10 CLR G . 28.34 11.81 52.03
C11 CLR G . 29.49 11.17 49.84
C12 CLR G . 29.68 11.54 48.37
C13 CLR G . 28.35 11.65 47.61
C14 CLR G . 27.50 12.70 48.40
C15 CLR G . 26.29 12.92 47.47
C16 CLR G . 26.99 13.03 46.09
C17 CLR G . 28.35 12.27 46.20
C18 CLR G . 27.60 10.30 47.62
C19 CLR G . 28.06 10.30 52.18
C20 CLR G . 28.53 11.27 45.01
C21 CLR G . 30.01 10.93 44.80
C22 CLR G . 28.01 11.90 43.71
C23 CLR G . 28.31 11.05 42.46
C24 CLR G . 27.90 11.85 41.23
C25 CLR G . 28.32 11.12 39.95
C26 CLR G . 27.87 11.92 38.72
C27 CLR G . 29.85 10.96 39.92
O1 CLR G . 28.27 12.95 56.19
C1 CLR H . 3.24 -25.94 55.98
C2 CLR H . 3.52 -25.99 57.48
C3 CLR H . 4.96 -26.47 57.70
C4 CLR H . 5.90 -25.39 57.16
C5 CLR H . 5.60 -25.16 55.69
C6 CLR H . 6.59 -25.16 54.85
C7 CLR H . 6.44 -24.94 53.37
C8 CLR H . 5.09 -24.32 53.01
C9 CLR H . 3.99 -25.09 53.76
C10 CLR H . 4.17 -24.96 55.27
C11 CLR H . 2.59 -24.67 53.33
C12 CLR H . 2.42 -24.74 51.80
C13 CLR H . 3.50 -23.92 51.06
C14 CLR H . 4.87 -24.50 51.51
C15 CLR H . 5.86 -23.78 50.59
C16 CLR H . 5.12 -23.87 49.23
C17 CLR H . 3.60 -24.04 49.53
C18 CLR H . 3.43 -22.43 51.48
C19 CLR H . 3.79 -23.53 55.68
C20 CLR H . 2.76 -23.05 48.67
C21 CLR H . 1.26 -23.43 48.63
C22 CLR H . 3.25 -23.08 47.22
C23 CLR H . 2.43 -22.18 46.29
C24 CLR H . 2.80 -22.50 44.84
C25 CLR H . 1.93 -21.70 43.86
C26 CLR H . 2.30 -22.12 42.44
C27 CLR H . 0.46 -22.03 44.09
O1 CLR H . 5.19 -26.66 59.09
C1 CLR I . -8.74 9.79 32.98
C2 CLR I . -9.35 10.88 32.08
C3 CLR I . -9.25 12.23 32.76
C4 CLR I . -7.77 12.60 32.87
C5 CLR I . -7.05 11.50 33.64
C6 CLR I . -6.28 11.86 34.63
C7 CLR I . -5.50 10.90 35.48
C8 CLR I . -5.36 9.53 34.82
C9 CLR I . -6.71 9.08 34.25
C10 CLR I . -7.25 10.08 33.23
C11 CLR I . -6.63 7.66 33.68
C12 CLR I . -6.08 6.66 34.73
C13 CLR I . -4.74 7.11 35.31
C14 CLR I . -4.96 8.54 35.91
C15 CLR I . -3.66 8.81 36.64
C16 CLR I . -3.40 7.45 37.34
C17 CLR I . -4.16 6.35 36.53
C18 CLR I . -3.68 7.22 34.20
C19 CLR I . -6.49 9.90 31.91
C20 CLR I . -3.24 5.13 36.24
C21 CLR I . -4.04 3.89 35.85
C22 CLR I . -2.41 4.79 37.49
C23 CLR I . -1.64 3.47 37.39
C24 CLR I . -1.01 3.16 38.75
C25 CLR I . -0.32 1.80 38.75
C26 CLR I . -1.34 0.70 38.44
C27 CLR I . 0.33 1.54 40.10
O1 CLR I . -9.93 13.22 31.97
C1 CLR J . 38.62 -10.18 43.36
C2 CLR J . 39.18 -10.31 44.78
C3 CLR J . 40.18 -9.20 45.06
C4 CLR J . 39.44 -7.85 45.02
C5 CLR J . 38.76 -7.72 43.66
C6 CLR J . 38.96 -6.62 42.99
C7 CLR J . 38.36 -6.33 41.65
C8 CLR J . 37.13 -7.22 41.38
C9 CLR J . 37.47 -8.67 41.71
C10 CLR J . 37.89 -8.84 43.17
C11 CLR J . 36.33 -9.62 41.31
C12 CLR J . 35.96 -9.45 39.83
C13 CLR J . 35.60 -8.00 39.48
C14 CLR J . 36.85 -7.13 39.88
C15 CLR J . 36.48 -5.75 39.35
C16 CLR J . 35.95 -6.12 37.94
C17 CLR J . 35.47 -7.61 37.99
C18 CLR J . 34.40 -7.54 40.30
C19 CLR J . 36.64 -8.85 44.06
C20 CLR J . 34.05 -7.74 37.34
C21 CLR J . 33.68 -9.20 37.03
C22 CLR J . 34.02 -6.94 36.03
C23 CLR J . 32.84 -7.26 35.10
C24 CLR J . 33.02 -6.47 33.79
C25 CLR J . 31.94 -6.83 32.79
C26 CLR J . 32.07 -8.29 32.36
C27 CLR J . 32.04 -5.92 31.56
O1 CLR J . 40.74 -9.38 46.36
C1 CLR K . 30.68 -1.01 17.31
C2 CLR K . 29.85 -1.57 16.15
C3 CLR K . 29.63 -3.07 16.34
C4 CLR K . 28.77 -3.26 17.61
C5 CLR K . 29.47 -2.60 18.78
C6 CLR K . 29.62 -3.31 19.86
C7 CLR K . 30.30 -2.80 21.11
C8 CLR K . 30.29 -1.26 21.14
C9 CLR K . 30.83 -0.73 19.80
C10 CLR K . 29.94 -1.19 18.64
C11 CLR K . 31.02 0.79 19.83
C12 CLR K . 31.81 1.27 21.06
C13 CLR K . 31.24 0.73 22.38
C14 CLR K . 31.23 -0.82 22.25
C15 CLR K . 30.87 -1.28 23.67
C16 CLR K . 31.73 -0.33 24.53
C17 CLR K . 32.05 0.93 23.67
C18 CLR K . 29.80 1.21 22.58
C19 CLR K . 28.68 -0.30 18.61
C20 CLR K . 31.77 2.26 24.42
C21 CLR K . 32.67 3.39 23.91
C22 CLR K . 32.00 2.14 25.93
C23 CLR K . 31.49 3.40 26.64
C24 CLR K . 31.65 3.26 28.15
C25 CLR K . 31.04 4.47 28.86
C26 CLR K . 31.17 4.29 30.37
C27 CLR K . 31.78 5.74 28.44
O1 CLR K . 28.94 -3.61 15.21
C1 PLM L . 28.25 -24.71 53.87
O1 PLM L . 29.38 -24.29 53.53
O2 PLM L . 28.00 -24.95 55.08
C2 PLM L . 27.18 -24.95 52.81
C3 PLM L . 27.22 -23.91 51.69
C4 PLM L . 26.36 -24.31 50.49
C5 PLM L . 26.60 -23.39 49.29
C6 PLM L . 25.84 -23.84 48.04
C7 PLM L . 25.96 -22.82 46.91
C8 PLM L . 25.12 -23.19 45.70
C9 PLM L . 24.59 -21.94 44.98
CA PLM L . 23.40 -22.24 44.07
CB PLM L . 23.11 -21.11 43.09
CC PLM L . 22.08 -21.49 42.03
CD PLM L . 22.04 -20.49 40.88
CE PLM L . 21.26 -21.01 39.68
CF PLM L . 20.97 -19.92 38.67
CG PLM L . 19.88 -20.34 37.67
C1 PLM M . 33.19 -21.60 51.05
O1 PLM M . 34.11 -20.77 51.29
O2 PLM M . 33.30 -22.79 51.43
C2 PLM M . 31.95 -21.15 50.28
C3 PLM M . 32.27 -20.68 48.87
C4 PLM M . 31.12 -20.93 47.90
C5 PLM M . 30.97 -19.82 46.86
C6 PLM M . 29.67 -19.94 46.07
C7 PLM M . 29.59 -18.94 44.92
C8 PLM M . 28.25 -18.99 44.20
C9 PLM M . 28.32 -18.34 42.83
CA PLM M . 27.01 -18.41 42.05
CB PLM M . 27.16 -17.95 40.62
CC PLM M . 25.84 -17.84 39.87
CD PLM M . 26.03 -17.29 38.46
CE PLM M . 24.75 -17.25 37.64
CF PLM M . 24.98 -16.74 36.23
CG PLM M . 23.76 -16.92 35.33
C1 PLM N . 19.83 -7.34 17.68
O1 PLM N . 19.12 -8.36 17.60
O2 PLM N . 20.14 -6.70 16.64
C2 PLM N . 20.34 -6.86 19.05
C3 PLM N . 19.25 -6.14 19.83
C4 PLM N . 19.74 -5.63 21.18
C5 PLM N . 20.31 -6.75 22.06
C6 PLM N . 20.91 -6.20 23.35
C7 PLM N . 21.53 -7.29 24.21
C8 PLM N . 22.23 -6.71 25.43
C9 PLM N . 22.92 -7.79 26.27
CA PLM N . 23.73 -7.19 27.42
CB PLM N . 24.40 -8.26 28.28
CC PLM N . 25.11 -7.66 29.48
CD PLM N . 25.84 -8.71 30.31
CE PLM N . 26.85 -8.11 31.29
CF PLM N . 27.76 -7.09 30.61
CG PLM N . 29.05 -7.72 30.09
#